data_5X38
#
_entry.id   5X38
#
loop_
_entity.id
_entity.type
_entity.pdbx_description
1 polymer 'Exoglucanase 1'
2 non-polymer beta-D-glucopyranose
#
_entity_poly.entity_id   1
_entity_poly.type   'polypeptide(L)'
_entity_poly.pdbx_seq_one_letter_code
;TQSHYGQCGGIGYSGPTVCASGTTCQVLNPYYSQCL
;
_entity_poly.pdbx_strand_id   A
#
# COMPACT_ATOMS: atom_id res chain seq x y z
N THR A 1 -2.87 1.97 -9.76
CA THR A 1 -3.56 2.00 -8.51
C THR A 1 -3.46 0.61 -7.85
N GLN A 2 -2.92 0.58 -6.65
CA GLN A 2 -2.65 -0.66 -5.95
C GLN A 2 -3.95 -1.35 -5.53
N SER A 3 -4.05 -2.60 -5.90
CA SER A 3 -5.20 -3.39 -5.57
C SER A 3 -5.19 -3.80 -4.09
N HIS A 4 -6.28 -4.38 -3.65
CA HIS A 4 -6.48 -4.80 -2.28
C HIS A 4 -5.46 -5.90 -1.95
N TYR A 5 -4.81 -5.75 -0.78
CA TYR A 5 -3.76 -6.66 -0.27
C TYR A 5 -2.41 -6.43 -0.92
N GLY A 6 -2.32 -5.41 -1.74
CA GLY A 6 -1.05 -5.08 -2.34
C GLY A 6 -0.26 -4.13 -1.46
N GLN A 7 1.04 -4.07 -1.68
CA GLN A 7 1.92 -3.21 -0.93
C GLN A 7 1.80 -1.77 -1.45
N CYS A 8 1.26 -0.91 -0.63
CA CYS A 8 0.94 0.46 -1.04
C CYS A 8 2.08 1.43 -0.79
N GLY A 9 3.21 0.95 -0.35
CA GLY A 9 4.30 1.85 -0.18
C GLY A 9 4.88 1.85 1.19
N GLY A 10 5.86 1.01 1.38
CA GLY A 10 6.65 1.05 2.57
C GLY A 10 7.92 1.79 2.26
N ILE A 11 8.83 1.84 3.20
CA ILE A 11 10.13 2.48 2.98
C ILE A 11 10.83 1.89 1.75
N GLY A 12 11.05 2.73 0.76
CA GLY A 12 11.77 2.30 -0.42
C GLY A 12 10.88 1.82 -1.55
N TYR A 13 9.62 1.56 -1.26
CA TYR A 13 8.73 1.07 -2.28
C TYR A 13 8.20 2.24 -3.12
N SER A 14 8.73 2.36 -4.32
CA SER A 14 8.37 3.44 -5.20
C SER A 14 7.38 2.98 -6.29
N GLY A 15 6.76 1.84 -6.06
CA GLY A 15 5.79 1.31 -7.00
C GLY A 15 4.41 1.91 -6.75
N PRO A 16 3.32 1.19 -7.08
CA PRO A 16 1.95 1.70 -6.87
C PRO A 16 1.67 2.00 -5.40
N THR A 17 1.42 3.26 -5.12
CA THR A 17 1.26 3.72 -3.76
C THR A 17 -0.19 4.05 -3.41
N VAL A 18 -0.95 4.45 -4.40
CA VAL A 18 -2.33 4.81 -4.18
C VAL A 18 -3.19 3.57 -4.31
N CYS A 19 -3.98 3.31 -3.32
CA CYS A 19 -4.83 2.14 -3.31
C CYS A 19 -6.13 2.41 -4.06
N ALA A 20 -6.79 1.33 -4.46
CA ALA A 20 -8.10 1.42 -5.11
C ALA A 20 -9.09 2.09 -4.18
N SER A 21 -10.01 2.85 -4.74
CA SER A 21 -11.01 3.55 -3.96
C SER A 21 -11.82 2.58 -3.10
N GLY A 22 -11.72 2.74 -1.81
CA GLY A 22 -12.37 1.86 -0.88
C GLY A 22 -11.36 1.13 -0.05
N THR A 23 -10.15 1.04 -0.54
CA THR A 23 -9.10 0.40 0.19
C THR A 23 -8.13 1.47 0.65
N THR A 24 -7.62 1.31 1.83
CA THR A 24 -6.77 2.28 2.41
C THR A 24 -5.39 1.72 2.66
N CYS A 25 -4.38 2.52 2.43
CA CYS A 25 -3.02 2.10 2.65
C CYS A 25 -2.77 1.99 4.14
N GLN A 26 -2.53 0.79 4.60
CA GLN A 26 -2.27 0.53 5.99
C GLN A 26 -0.80 0.24 6.17
N VAL A 27 -0.13 1.13 6.83
CA VAL A 27 1.27 0.94 7.13
C VAL A 27 1.38 -0.04 8.29
N LEU A 28 1.63 -1.28 7.96
CA LEU A 28 1.68 -2.34 8.94
C LEU A 28 3.05 -2.37 9.58
N ASN A 29 4.05 -2.17 8.77
CA ASN A 29 5.43 -2.20 9.20
C ASN A 29 6.14 -1.08 8.47
N PRO A 30 7.37 -0.71 8.87
CA PRO A 30 8.12 0.34 8.17
C PRO A 30 8.25 0.08 6.66
N TYR A 31 8.52 -1.16 6.27
CA TYR A 31 8.62 -1.43 4.85
C TYR A 31 7.34 -2.05 4.28
N TYR A 32 6.58 -2.74 5.08
CA TYR A 32 5.35 -3.30 4.57
C TYR A 32 4.11 -2.45 4.84
N SER A 33 3.50 -1.97 3.79
CA SER A 33 2.25 -1.27 3.88
C SER A 33 1.28 -2.00 2.94
N GLN A 34 0.06 -2.22 3.35
CA GLN A 34 -0.90 -2.98 2.55
C GLN A 34 -2.22 -2.23 2.39
N CYS A 35 -2.79 -2.27 1.20
CA CYS A 35 -4.09 -1.66 0.96
C CYS A 35 -5.18 -2.55 1.49
N LEU A 36 -5.88 -2.05 2.47
CA LEU A 36 -6.97 -2.73 3.09
C LEU A 36 -8.21 -1.90 3.00
N THR A 1 -1.91 2.14 -9.46
CA THR A 1 -2.87 1.88 -8.43
C THR A 1 -2.62 0.48 -7.85
N GLN A 2 -2.75 0.36 -6.55
CA GLN A 2 -2.55 -0.86 -5.85
C GLN A 2 -3.90 -1.47 -5.50
N SER A 3 -4.09 -2.72 -5.88
CA SER A 3 -5.30 -3.44 -5.59
C SER A 3 -5.41 -3.79 -4.09
N HIS A 4 -6.53 -4.36 -3.69
CA HIS A 4 -6.78 -4.68 -2.30
C HIS A 4 -5.81 -5.77 -1.86
N TYR A 5 -5.18 -5.55 -0.71
CA TYR A 5 -4.20 -6.46 -0.10
C TYR A 5 -2.82 -6.35 -0.73
N GLY A 6 -2.65 -5.39 -1.58
CA GLY A 6 -1.34 -5.18 -2.15
C GLY A 6 -0.53 -4.23 -1.29
N GLN A 7 0.77 -4.35 -1.38
CA GLN A 7 1.67 -3.46 -0.68
C GLN A 7 1.76 -2.15 -1.45
N CYS A 8 1.20 -1.09 -0.90
CA CYS A 8 1.18 0.19 -1.61
C CYS A 8 2.59 0.73 -1.68
N GLY A 9 3.30 0.61 -0.58
CA GLY A 9 4.62 1.09 -0.56
C GLY A 9 5.04 1.51 0.79
N GLY A 10 6.03 0.83 1.29
CA GLY A 10 6.65 1.18 2.52
C GLY A 10 7.89 1.94 2.20
N ILE A 11 8.79 2.02 3.14
CA ILE A 11 10.07 2.69 2.92
C ILE A 11 10.80 2.07 1.70
N GLY A 12 11.07 2.89 0.71
CA GLY A 12 11.79 2.43 -0.47
C GLY A 12 10.88 2.01 -1.60
N TYR A 13 9.64 1.74 -1.30
CA TYR A 13 8.71 1.30 -2.31
C TYR A 13 7.86 2.48 -2.75
N SER A 14 7.99 2.86 -3.98
CA SER A 14 7.30 4.01 -4.51
C SER A 14 6.61 3.67 -5.84
N GLY A 15 6.22 2.42 -5.98
CA GLY A 15 5.49 1.97 -7.16
C GLY A 15 4.01 2.27 -7.05
N PRO A 16 3.13 1.25 -7.12
CA PRO A 16 1.69 1.42 -6.94
C PRO A 16 1.33 1.80 -5.50
N THR A 17 1.51 3.06 -5.21
CA THR A 17 1.30 3.61 -3.89
C THR A 17 -0.13 4.10 -3.67
N VAL A 18 -0.83 4.34 -4.74
CA VAL A 18 -2.20 4.79 -4.66
C VAL A 18 -3.10 3.57 -4.61
N CYS A 19 -3.76 3.38 -3.51
CA CYS A 19 -4.64 2.25 -3.35
C CYS A 19 -5.93 2.47 -4.10
N ALA A 20 -6.51 1.38 -4.57
CA ALA A 20 -7.78 1.40 -5.26
C ALA A 20 -8.84 2.02 -4.35
N SER A 21 -9.73 2.78 -4.96
CA SER A 21 -10.79 3.47 -4.26
C SER A 21 -11.60 2.50 -3.41
N GLY A 22 -11.55 2.71 -2.10
CA GLY A 22 -12.23 1.85 -1.18
C GLY A 22 -11.26 1.23 -0.22
N THR A 23 -10.01 1.15 -0.61
CA THR A 23 -8.99 0.57 0.22
C THR A 23 -8.06 1.64 0.74
N THR A 24 -7.48 1.41 1.88
CA THR A 24 -6.58 2.34 2.49
C THR A 24 -5.30 1.63 2.91
N CYS A 25 -4.17 2.19 2.56
CA CYS A 25 -2.90 1.57 2.86
C CYS A 25 -2.58 1.70 4.32
N GLN A 26 -2.56 0.59 4.99
CA GLN A 26 -2.24 0.54 6.36
C GLN A 26 -0.78 0.19 6.51
N VAL A 27 -0.05 1.05 7.15
CA VAL A 27 1.35 0.85 7.39
C VAL A 27 1.50 -0.14 8.53
N LEU A 28 1.65 -1.39 8.19
CA LEU A 28 1.75 -2.47 9.16
C LEU A 28 3.15 -2.56 9.70
N ASN A 29 4.10 -2.24 8.85
CA ASN A 29 5.49 -2.30 9.16
C ASN A 29 6.15 -1.15 8.44
N PRO A 30 7.42 -0.80 8.75
CA PRO A 30 8.14 0.29 8.05
C PRO A 30 8.19 0.10 6.53
N TYR A 31 8.43 -1.11 6.07
CA TYR A 31 8.51 -1.33 4.64
C TYR A 31 7.23 -2.00 4.12
N TYR A 32 6.55 -2.73 4.96
CA TYR A 32 5.32 -3.36 4.54
C TYR A 32 4.10 -2.50 4.86
N SER A 33 3.44 -2.03 3.86
CA SER A 33 2.23 -1.26 4.01
C SER A 33 1.22 -1.85 3.02
N GLN A 34 0.05 -2.21 3.49
CA GLN A 34 -0.92 -2.92 2.66
C GLN A 34 -2.25 -2.19 2.55
N CYS A 35 -2.77 -2.10 1.33
CA CYS A 35 -4.06 -1.46 1.08
C CYS A 35 -5.19 -2.34 1.56
N LEU A 36 -5.80 -1.93 2.63
CA LEU A 36 -6.88 -2.60 3.26
C LEU A 36 -8.11 -1.76 3.11
N THR A 1 -2.36 1.44 -9.81
CA THR A 1 -3.28 1.51 -8.71
C THR A 1 -3.21 0.20 -7.92
N GLN A 2 -2.81 0.28 -6.67
CA GLN A 2 -2.59 -0.88 -5.86
C GLN A 2 -3.92 -1.46 -5.40
N SER A 3 -4.09 -2.73 -5.60
CA SER A 3 -5.31 -3.41 -5.29
C SER A 3 -5.40 -3.76 -3.79
N HIS A 4 -6.53 -4.33 -3.40
CA HIS A 4 -6.79 -4.67 -2.01
C HIS A 4 -5.81 -5.76 -1.59
N TYR A 5 -5.10 -5.52 -0.49
CA TYR A 5 -4.09 -6.43 0.08
C TYR A 5 -2.71 -6.30 -0.57
N GLY A 6 -2.60 -5.39 -1.53
CA GLY A 6 -1.32 -5.16 -2.16
C GLY A 6 -0.45 -4.23 -1.33
N GLN A 7 0.83 -4.18 -1.64
CA GLN A 7 1.77 -3.35 -0.91
C GLN A 7 1.69 -1.92 -1.41
N CYS A 8 1.16 -1.05 -0.59
CA CYS A 8 0.89 0.34 -0.99
C CYS A 8 2.04 1.30 -0.74
N GLY A 9 3.18 0.79 -0.40
CA GLY A 9 4.29 1.69 -0.24
C GLY A 9 4.81 1.78 1.15
N GLY A 10 5.87 1.05 1.37
CA GLY A 10 6.59 1.14 2.59
C GLY A 10 7.80 2.01 2.36
N ILE A 11 8.71 2.03 3.29
CA ILE A 11 9.94 2.79 3.14
C ILE A 11 10.73 2.32 1.91
N GLY A 12 10.83 3.19 0.93
CA GLY A 12 11.60 2.90 -0.27
C GLY A 12 10.77 2.23 -1.34
N TYR A 13 9.49 2.05 -1.08
CA TYR A 13 8.63 1.44 -2.06
C TYR A 13 7.78 2.55 -2.66
N SER A 14 8.10 2.94 -3.85
CA SER A 14 7.45 4.07 -4.48
C SER A 14 6.69 3.67 -5.75
N GLY A 15 6.49 2.37 -5.92
CA GLY A 15 5.75 1.88 -7.08
C GLY A 15 4.24 2.06 -6.90
N PRO A 16 3.44 0.99 -7.05
CA PRO A 16 2.00 1.05 -6.82
C PRO A 16 1.72 1.39 -5.35
N THR A 17 1.49 2.64 -5.13
CA THR A 17 1.34 3.18 -3.81
C THR A 17 -0.06 3.72 -3.57
N VAL A 18 -0.70 4.12 -4.65
CA VAL A 18 -2.04 4.63 -4.59
C VAL A 18 -3.01 3.47 -4.55
N CYS A 19 -3.70 3.33 -3.45
CA CYS A 19 -4.65 2.27 -3.27
C CYS A 19 -5.93 2.58 -4.03
N ALA A 20 -6.54 1.55 -4.55
CA ALA A 20 -7.78 1.67 -5.29
C ALA A 20 -8.89 2.24 -4.42
N SER A 21 -9.89 2.79 -5.06
CA SER A 21 -11.04 3.35 -4.40
C SER A 21 -11.72 2.29 -3.52
N GLY A 22 -11.68 2.50 -2.23
CA GLY A 22 -12.25 1.56 -1.31
C GLY A 22 -11.20 0.91 -0.44
N THR A 23 -9.95 1.24 -0.67
CA THR A 23 -8.87 0.69 0.13
C THR A 23 -7.99 1.80 0.69
N THR A 24 -7.46 1.60 1.87
CA THR A 24 -6.61 2.58 2.51
C THR A 24 -5.22 1.99 2.74
N CYS A 25 -4.19 2.79 2.59
CA CYS A 25 -2.83 2.31 2.76
C CYS A 25 -2.48 2.20 4.23
N GLN A 26 -2.47 0.99 4.73
CA GLN A 26 -2.17 0.74 6.10
C GLN A 26 -0.73 0.28 6.21
N VAL A 27 0.09 1.08 6.85
CA VAL A 27 1.48 0.73 7.03
C VAL A 27 1.56 -0.27 8.17
N LEU A 28 1.81 -1.50 7.81
CA LEU A 28 1.82 -2.60 8.76
C LEU A 28 3.20 -2.75 9.35
N ASN A 29 4.17 -2.68 8.48
CA ASN A 29 5.56 -2.81 8.83
C ASN A 29 6.24 -1.60 8.21
N PRO A 30 7.49 -1.25 8.59
CA PRO A 30 8.17 -0.08 8.02
C PRO A 30 8.27 -0.14 6.49
N TYR A 31 8.52 -1.31 5.94
CA TYR A 31 8.65 -1.42 4.51
C TYR A 31 7.39 -2.05 3.90
N TYR A 32 6.68 -2.84 4.69
CA TYR A 32 5.45 -3.45 4.19
C TYR A 32 4.20 -2.63 4.57
N SER A 33 3.54 -2.11 3.58
CA SER A 33 2.31 -1.40 3.79
C SER A 33 1.28 -2.09 2.92
N GLN A 34 0.05 -2.16 3.33
CA GLN A 34 -0.96 -2.89 2.60
C GLN A 34 -2.27 -2.11 2.50
N CYS A 35 -2.86 -2.10 1.30
CA CYS A 35 -4.13 -1.43 1.09
C CYS A 35 -5.26 -2.28 1.67
N LEU A 36 -5.87 -1.78 2.69
CA LEU A 36 -6.96 -2.43 3.34
C LEU A 36 -8.20 -1.61 3.19
N THR A 1 -2.66 1.84 -9.97
CA THR A 1 -3.43 1.82 -8.75
C THR A 1 -3.11 0.53 -7.99
N GLN A 2 -2.87 0.64 -6.72
CA GLN A 2 -2.53 -0.51 -5.91
C GLN A 2 -3.79 -1.26 -5.54
N SER A 3 -3.83 -2.51 -5.92
CA SER A 3 -4.95 -3.36 -5.64
C SER A 3 -5.03 -3.73 -4.16
N HIS A 4 -6.18 -4.22 -3.74
CA HIS A 4 -6.43 -4.62 -2.36
C HIS A 4 -5.44 -5.72 -1.98
N TYR A 5 -4.82 -5.59 -0.81
CA TYR A 5 -3.80 -6.52 -0.28
C TYR A 5 -2.41 -6.28 -0.86
N GLY A 6 -2.29 -5.29 -1.71
CA GLY A 6 -1.00 -4.95 -2.28
C GLY A 6 -0.22 -4.04 -1.37
N GLN A 7 1.09 -3.97 -1.59
CA GLN A 7 1.95 -3.15 -0.78
C GLN A 7 1.83 -1.69 -1.23
N CYS A 8 1.22 -0.88 -0.40
CA CYS A 8 0.88 0.51 -0.77
C CYS A 8 2.02 1.51 -0.56
N GLY A 9 3.21 1.04 -0.37
CA GLY A 9 4.29 1.95 -0.24
C GLY A 9 4.94 1.91 1.10
N GLY A 10 5.88 1.04 1.22
CA GLY A 10 6.71 1.00 2.38
C GLY A 10 8.02 1.67 2.05
N ILE A 11 8.94 1.68 2.98
CA ILE A 11 10.25 2.25 2.75
C ILE A 11 10.94 1.50 1.59
N GLY A 12 11.22 2.21 0.53
CA GLY A 12 11.87 1.62 -0.61
C GLY A 12 10.91 1.22 -1.72
N TYR A 13 9.63 1.22 -1.41
CA TYR A 13 8.64 0.86 -2.38
C TYR A 13 8.02 2.12 -2.93
N SER A 14 8.39 2.47 -4.13
CA SER A 14 7.93 3.69 -4.73
C SER A 14 6.95 3.40 -5.88
N GLY A 15 6.51 2.15 -5.98
CA GLY A 15 5.57 1.71 -7.00
C GLY A 15 4.15 2.20 -6.72
N PRO A 16 3.10 1.42 -7.05
CA PRO A 16 1.72 1.82 -6.82
C PRO A 16 1.42 2.01 -5.33
N THR A 17 1.36 3.26 -4.94
CA THR A 17 1.12 3.64 -3.59
C THR A 17 -0.35 3.98 -3.36
N VAL A 18 -1.00 4.50 -4.37
CA VAL A 18 -2.41 4.85 -4.27
C VAL A 18 -3.27 3.60 -4.35
N CYS A 19 -3.94 3.32 -3.27
CA CYS A 19 -4.81 2.16 -3.17
C CYS A 19 -6.11 2.40 -3.92
N ALA A 20 -6.68 1.32 -4.44
CA ALA A 20 -7.94 1.36 -5.18
C ALA A 20 -9.08 1.95 -4.35
N SER A 21 -10.09 2.43 -5.02
CA SER A 21 -11.23 3.05 -4.41
C SER A 21 -11.94 2.10 -3.42
N GLY A 22 -11.86 2.42 -2.15
CA GLY A 22 -12.45 1.58 -1.13
C GLY A 22 -11.40 0.93 -0.26
N THR A 23 -10.15 1.04 -0.65
CA THR A 23 -9.07 0.48 0.13
C THR A 23 -8.16 1.59 0.61
N THR A 24 -7.60 1.44 1.79
CA THR A 24 -6.74 2.45 2.34
C THR A 24 -5.37 1.87 2.68
N CYS A 25 -4.35 2.68 2.61
CA CYS A 25 -3.00 2.22 2.86
C CYS A 25 -2.76 2.04 4.35
N GLN A 26 -2.61 0.81 4.76
CA GLN A 26 -2.34 0.48 6.12
C GLN A 26 -0.87 0.19 6.27
N VAL A 27 -0.17 1.07 6.93
CA VAL A 27 1.24 0.88 7.16
C VAL A 27 1.39 -0.05 8.34
N LEU A 28 1.68 -1.28 8.04
CA LEU A 28 1.77 -2.32 9.05
C LEU A 28 3.14 -2.31 9.66
N ASN A 29 4.12 -2.24 8.82
CA ASN A 29 5.50 -2.26 9.20
C ASN A 29 6.17 -1.13 8.45
N PRO A 30 7.42 -0.74 8.79
CA PRO A 30 8.11 0.34 8.08
C PRO A 30 8.20 0.10 6.57
N TYR A 31 8.51 -1.11 6.18
CA TYR A 31 8.65 -1.38 4.77
C TYR A 31 7.38 -2.04 4.24
N TYR A 32 6.65 -2.73 5.09
CA TYR A 32 5.42 -3.35 4.63
C TYR A 32 4.18 -2.51 4.91
N SER A 33 3.56 -2.06 3.87
CA SER A 33 2.33 -1.33 3.95
C SER A 33 1.34 -2.05 3.04
N GLN A 34 0.10 -2.17 3.41
CA GLN A 34 -0.87 -2.91 2.60
C GLN A 34 -2.19 -2.16 2.45
N CYS A 35 -2.75 -2.18 1.26
CA CYS A 35 -4.03 -1.55 1.03
C CYS A 35 -5.16 -2.42 1.56
N LEU A 36 -5.83 -1.90 2.54
CA LEU A 36 -6.97 -2.52 3.14
C LEU A 36 -8.09 -1.51 3.14
N THR A 1 -2.53 2.47 -9.51
CA THR A 1 -3.40 2.14 -8.42
C THR A 1 -2.98 0.78 -7.85
N GLN A 2 -3.00 0.65 -6.54
CA GLN A 2 -2.62 -0.56 -5.89
C GLN A 2 -3.86 -1.35 -5.48
N SER A 3 -3.88 -2.62 -5.84
CA SER A 3 -4.98 -3.51 -5.50
C SER A 3 -5.04 -3.84 -4.01
N HIS A 4 -6.16 -4.42 -3.60
CA HIS A 4 -6.39 -4.80 -2.24
C HIS A 4 -5.37 -5.88 -1.85
N TYR A 5 -4.75 -5.69 -0.68
CA TYR A 5 -3.73 -6.59 -0.12
C TYR A 5 -2.38 -6.41 -0.78
N GLY A 6 -2.26 -5.42 -1.63
CA GLY A 6 -1.01 -5.12 -2.22
C GLY A 6 -0.26 -4.10 -1.40
N GLN A 7 1.06 -4.13 -1.46
CA GLN A 7 1.86 -3.15 -0.77
C GLN A 7 1.69 -1.81 -1.44
N CYS A 8 1.08 -0.92 -0.74
CA CYS A 8 0.84 0.40 -1.25
C CYS A 8 2.10 1.24 -1.28
N GLY A 9 2.75 1.37 -0.15
CA GLY A 9 3.81 2.30 -0.07
C GLY A 9 4.75 1.99 1.02
N GLY A 10 5.76 1.28 0.68
CA GLY A 10 6.77 0.96 1.64
C GLY A 10 7.91 1.91 1.51
N ILE A 11 8.65 2.08 2.56
CA ILE A 11 9.84 2.90 2.50
C ILE A 11 10.86 2.23 1.58
N GLY A 12 11.08 2.81 0.43
CA GLY A 12 11.96 2.22 -0.53
C GLY A 12 11.19 1.52 -1.63
N TYR A 13 9.89 1.62 -1.58
CA TYR A 13 9.01 1.04 -2.57
C TYR A 13 8.44 2.18 -3.41
N SER A 14 8.59 2.10 -4.71
CA SER A 14 8.12 3.15 -5.59
C SER A 14 7.08 2.64 -6.58
N GLY A 15 6.43 1.54 -6.23
CA GLY A 15 5.36 1.01 -7.05
C GLY A 15 4.07 1.82 -6.88
N PRO A 16 2.92 1.32 -7.32
CA PRO A 16 1.65 2.03 -7.16
C PRO A 16 1.29 2.23 -5.68
N THR A 17 1.39 3.46 -5.22
CA THR A 17 1.17 3.76 -3.83
C THR A 17 -0.29 4.05 -3.52
N VAL A 18 -1.01 4.57 -4.48
CA VAL A 18 -2.39 4.93 -4.28
C VAL A 18 -3.26 3.70 -4.40
N CYS A 19 -3.88 3.34 -3.31
CA CYS A 19 -4.74 2.18 -3.26
C CYS A 19 -6.04 2.43 -4.00
N ALA A 20 -6.65 1.36 -4.48
CA ALA A 20 -7.93 1.42 -5.15
C ALA A 20 -8.97 2.06 -4.25
N SER A 21 -9.84 2.86 -4.82
CA SER A 21 -10.86 3.57 -4.09
C SER A 21 -11.71 2.60 -3.25
N GLY A 22 -11.57 2.70 -1.95
CA GLY A 22 -12.26 1.80 -1.06
C GLY A 22 -11.28 1.03 -0.21
N THR A 23 -10.03 1.05 -0.60
CA THR A 23 -9.01 0.40 0.17
C THR A 23 -8.03 1.45 0.67
N THR A 24 -7.54 1.26 1.84
CA THR A 24 -6.68 2.23 2.47
C THR A 24 -5.28 1.68 2.70
N CYS A 25 -4.28 2.50 2.48
CA CYS A 25 -2.90 2.10 2.69
C CYS A 25 -2.61 2.03 4.18
N GLN A 26 -2.54 0.84 4.70
CA GLN A 26 -2.27 0.64 6.08
C GLN A 26 -0.84 0.21 6.28
N VAL A 27 -0.08 1.03 6.93
CA VAL A 27 1.28 0.71 7.25
C VAL A 27 1.28 -0.36 8.35
N LEU A 28 1.57 -1.58 7.96
CA LEU A 28 1.50 -2.70 8.88
C LEU A 28 2.81 -2.87 9.59
N ASN A 29 3.86 -2.77 8.81
CA ASN A 29 5.23 -2.93 9.29
C ASN A 29 5.93 -1.63 8.93
N PRO A 30 7.11 -1.32 9.50
CA PRO A 30 7.85 -0.07 9.18
C PRO A 30 8.15 0.10 7.68
N TYR A 31 8.29 -1.01 6.96
CA TYR A 31 8.54 -0.95 5.53
C TYR A 31 7.38 -1.58 4.72
N TYR A 32 6.63 -2.46 5.34
CA TYR A 32 5.51 -3.07 4.67
C TYR A 32 4.19 -2.33 4.95
N SER A 33 3.58 -1.81 3.93
CA SER A 33 2.30 -1.17 4.05
C SER A 33 1.37 -1.86 3.05
N GLN A 34 0.14 -2.10 3.42
CA GLN A 34 -0.78 -2.87 2.57
C GLN A 34 -2.13 -2.15 2.44
N CYS A 35 -2.71 -2.20 1.25
CA CYS A 35 -4.02 -1.61 1.04
C CYS A 35 -5.09 -2.51 1.59
N LEU A 36 -5.76 -2.03 2.58
CA LEU A 36 -6.80 -2.75 3.25
C LEU A 36 -8.10 -2.02 3.07
N THR A 1 -3.07 1.69 -10.08
CA THR A 1 -3.67 1.80 -8.78
C THR A 1 -3.49 0.48 -8.04
N GLN A 2 -2.99 0.55 -6.81
CA GLN A 2 -2.72 -0.62 -6.02
C GLN A 2 -4.03 -1.25 -5.56
N SER A 3 -4.18 -2.52 -5.81
CA SER A 3 -5.37 -3.22 -5.49
C SER A 3 -5.42 -3.62 -4.00
N HIS A 4 -6.49 -4.29 -3.61
CA HIS A 4 -6.68 -4.68 -2.23
C HIS A 4 -5.69 -5.79 -1.90
N TYR A 5 -5.00 -5.63 -0.77
CA TYR A 5 -3.97 -6.57 -0.29
C TYR A 5 -2.62 -6.37 -0.97
N GLY A 6 -2.50 -5.35 -1.79
CA GLY A 6 -1.23 -5.06 -2.41
C GLY A 6 -0.39 -4.15 -1.53
N GLN A 7 0.92 -4.21 -1.70
CA GLN A 7 1.81 -3.37 -0.93
C GLN A 7 1.81 -1.97 -1.51
N CYS A 8 1.20 -1.07 -0.82
CA CYS A 8 1.08 0.31 -1.27
C CYS A 8 2.40 1.05 -1.23
N GLY A 9 3.16 0.86 -0.18
CA GLY A 9 4.39 1.57 -0.12
C GLY A 9 4.94 1.71 1.27
N GLY A 10 5.96 0.96 1.54
CA GLY A 10 6.70 1.11 2.75
C GLY A 10 7.94 1.90 2.44
N ILE A 11 8.85 1.99 3.39
CA ILE A 11 10.13 2.66 3.18
C ILE A 11 10.87 2.03 1.99
N GLY A 12 11.05 2.80 0.94
CA GLY A 12 11.78 2.33 -0.22
C GLY A 12 10.87 1.96 -1.37
N TYR A 13 9.68 1.47 -1.05
CA TYR A 13 8.75 1.02 -2.07
C TYR A 13 8.13 2.22 -2.76
N SER A 14 8.48 2.40 -4.01
CA SER A 14 8.04 3.54 -4.77
C SER A 14 7.22 3.11 -6.00
N GLY A 15 6.50 2.01 -5.87
CA GLY A 15 5.69 1.50 -6.96
C GLY A 15 4.25 2.03 -6.92
N PRO A 16 3.24 1.16 -7.16
CA PRO A 16 1.82 1.57 -7.05
C PRO A 16 1.47 1.91 -5.61
N THR A 17 1.48 3.18 -5.33
CA THR A 17 1.30 3.68 -3.99
C THR A 17 -0.16 4.01 -3.63
N VAL A 18 -0.94 4.45 -4.60
CA VAL A 18 -2.32 4.82 -4.34
C VAL A 18 -3.21 3.59 -4.41
N CYS A 19 -3.97 3.39 -3.37
CA CYS A 19 -4.85 2.25 -3.26
C CYS A 19 -6.19 2.56 -3.93
N ALA A 20 -6.81 1.54 -4.48
CA ALA A 20 -8.12 1.67 -5.13
C ALA A 20 -9.17 2.18 -4.17
N SER A 21 -10.19 2.83 -4.70
CA SER A 21 -11.29 3.36 -3.92
C SER A 21 -11.96 2.24 -3.11
N GLY A 22 -11.87 2.32 -1.81
CA GLY A 22 -12.40 1.30 -0.95
C GLY A 22 -11.30 0.68 -0.14
N THR A 23 -10.07 0.97 -0.50
CA THR A 23 -8.93 0.47 0.21
C THR A 23 -8.02 1.63 0.63
N THR A 24 -7.34 1.48 1.72
CA THR A 24 -6.43 2.49 2.20
C THR A 24 -5.08 1.87 2.56
N CYS A 25 -4.01 2.60 2.32
CA CYS A 25 -2.69 2.10 2.61
C CYS A 25 -2.48 1.99 4.12
N GLN A 26 -2.44 0.77 4.60
CA GLN A 26 -2.19 0.52 5.99
C GLN A 26 -0.73 0.24 6.17
N VAL A 27 -0.04 1.10 6.84
CA VAL A 27 1.36 0.86 7.13
C VAL A 27 1.44 -0.17 8.25
N LEU A 28 1.64 -1.40 7.87
CA LEU A 28 1.68 -2.51 8.79
C LEU A 28 3.01 -2.53 9.49
N ASN A 29 4.04 -2.29 8.73
CA ASN A 29 5.39 -2.26 9.20
C ASN A 29 6.07 -1.14 8.45
N PRO A 30 7.24 -0.66 8.89
CA PRO A 30 7.94 0.45 8.21
C PRO A 30 8.17 0.19 6.71
N TYR A 31 8.49 -1.04 6.33
CA TYR A 31 8.70 -1.30 4.91
C TYR A 31 7.49 -2.00 4.30
N TYR A 32 6.73 -2.74 5.09
CA TYR A 32 5.54 -3.38 4.57
C TYR A 32 4.26 -2.58 4.84
N SER A 33 3.64 -2.12 3.80
CA SER A 33 2.38 -1.43 3.92
C SER A 33 1.41 -2.12 2.96
N GLN A 34 0.17 -2.24 3.31
CA GLN A 34 -0.79 -2.96 2.47
C GLN A 34 -2.11 -2.20 2.36
N CYS A 35 -2.66 -2.17 1.17
CA CYS A 35 -3.94 -1.51 0.94
C CYS A 35 -5.09 -2.35 1.47
N LEU A 36 -5.68 -1.85 2.52
CA LEU A 36 -6.81 -2.43 3.16
C LEU A 36 -7.83 -1.33 3.30
N THR A 1 -2.03 2.24 -9.46
CA THR A 1 -2.96 2.01 -8.37
C THR A 1 -2.62 0.66 -7.71
N GLN A 2 -2.74 0.59 -6.42
CA GLN A 2 -2.43 -0.62 -5.70
C GLN A 2 -3.71 -1.37 -5.35
N SER A 3 -3.75 -2.62 -5.72
CA SER A 3 -4.87 -3.48 -5.46
C SER A 3 -5.02 -3.81 -3.95
N HIS A 4 -6.18 -4.30 -3.57
CA HIS A 4 -6.48 -4.64 -2.18
C HIS A 4 -5.52 -5.75 -1.73
N TYR A 5 -4.88 -5.55 -0.59
CA TYR A 5 -3.87 -6.44 -0.01
C TYR A 5 -2.49 -6.28 -0.66
N GLY A 6 -2.39 -5.32 -1.55
CA GLY A 6 -1.12 -5.04 -2.16
C GLY A 6 -0.31 -4.10 -1.31
N GLN A 7 0.98 -3.99 -1.60
CA GLN A 7 1.87 -3.17 -0.81
C GLN A 7 1.77 -1.71 -1.25
N CYS A 8 1.12 -0.90 -0.46
CA CYS A 8 0.81 0.50 -0.83
C CYS A 8 1.97 1.47 -0.64
N GLY A 9 3.15 0.94 -0.45
CA GLY A 9 4.27 1.80 -0.34
C GLY A 9 4.85 1.86 1.05
N GLY A 10 5.85 1.06 1.27
CA GLY A 10 6.60 1.15 2.50
C GLY A 10 7.84 1.94 2.24
N ILE A 11 8.78 1.87 3.14
CA ILE A 11 10.07 2.51 2.92
C ILE A 11 10.77 1.80 1.76
N GLY A 12 11.13 2.56 0.75
CA GLY A 12 11.85 2.01 -0.38
C GLY A 12 10.92 1.44 -1.44
N TYR A 13 9.64 1.72 -1.32
CA TYR A 13 8.68 1.25 -2.29
C TYR A 13 8.06 2.45 -2.99
N SER A 14 8.42 2.68 -4.22
CA SER A 14 7.91 3.79 -4.98
C SER A 14 7.01 3.31 -6.12
N GLY A 15 6.57 2.07 -6.03
CA GLY A 15 5.66 1.53 -7.03
C GLY A 15 4.21 1.97 -6.79
N PRO A 16 3.21 1.11 -7.05
CA PRO A 16 1.80 1.43 -6.82
C PRO A 16 1.51 1.73 -5.34
N THR A 17 1.33 3.00 -5.05
CA THR A 17 1.09 3.48 -3.73
C THR A 17 -0.39 3.79 -3.49
N VAL A 18 -0.99 4.48 -4.45
CA VAL A 18 -2.38 4.88 -4.35
C VAL A 18 -3.26 3.66 -4.47
N CYS A 19 -3.96 3.36 -3.42
CA CYS A 19 -4.81 2.20 -3.34
C CYS A 19 -6.09 2.38 -4.16
N ALA A 20 -6.72 1.28 -4.51
CA ALA A 20 -7.98 1.26 -5.23
C ALA A 20 -9.09 1.94 -4.40
N SER A 21 -10.12 2.40 -5.08
CA SER A 21 -11.23 3.06 -4.45
C SER A 21 -11.93 2.10 -3.47
N GLY A 22 -11.92 2.44 -2.21
CA GLY A 22 -12.52 1.62 -1.22
C GLY A 22 -11.50 0.97 -0.33
N THR A 23 -10.24 1.11 -0.67
CA THR A 23 -9.17 0.54 0.12
C THR A 23 -8.30 1.65 0.68
N THR A 24 -7.76 1.44 1.86
CA THR A 24 -6.93 2.43 2.48
C THR A 24 -5.53 1.89 2.82
N CYS A 25 -4.50 2.66 2.55
CA CYS A 25 -3.12 2.26 2.78
C CYS A 25 -2.80 2.19 4.26
N GLN A 26 -2.60 1.00 4.74
CA GLN A 26 -2.28 0.77 6.11
C GLN A 26 -0.82 0.40 6.21
N VAL A 27 -0.04 1.22 6.88
CA VAL A 27 1.36 0.91 7.08
C VAL A 27 1.46 -0.07 8.22
N LEU A 28 1.78 -1.28 7.89
CA LEU A 28 1.85 -2.34 8.87
C LEU A 28 3.25 -2.40 9.46
N ASN A 29 4.19 -2.62 8.60
CA ASN A 29 5.60 -2.73 8.98
C ASN A 29 6.29 -1.54 8.34
N PRO A 30 7.54 -1.23 8.70
CA PRO A 30 8.27 -0.08 8.10
C PRO A 30 8.32 -0.14 6.55
N TYR A 31 8.52 -1.32 6.00
CA TYR A 31 8.60 -1.43 4.55
C TYR A 31 7.33 -2.05 4.00
N TYR A 32 6.63 -2.81 4.81
CA TYR A 32 5.40 -3.41 4.35
C TYR A 32 4.18 -2.59 4.72
N SER A 33 3.52 -2.08 3.73
CA SER A 33 2.31 -1.35 3.89
C SER A 33 1.30 -2.05 3.02
N GLN A 34 0.06 -2.10 3.41
CA GLN A 34 -0.94 -2.85 2.66
C GLN A 34 -2.23 -2.04 2.48
N CYS A 35 -2.79 -2.10 1.28
CA CYS A 35 -4.08 -1.46 1.04
C CYS A 35 -5.18 -2.31 1.58
N LEU A 36 -5.83 -1.81 2.55
CA LEU A 36 -6.93 -2.46 3.18
C LEU A 36 -8.11 -1.56 3.07
N THR A 1 -2.67 1.16 -10.07
CA THR A 1 -3.36 1.41 -8.83
C THR A 1 -3.26 0.17 -7.97
N GLN A 2 -2.85 0.33 -6.73
CA GLN A 2 -2.62 -0.79 -5.86
C GLN A 2 -3.95 -1.40 -5.42
N SER A 3 -4.08 -2.68 -5.65
CA SER A 3 -5.28 -3.39 -5.33
C SER A 3 -5.32 -3.74 -3.83
N HIS A 4 -6.40 -4.38 -3.41
CA HIS A 4 -6.61 -4.72 -2.02
C HIS A 4 -5.58 -5.78 -1.65
N TYR A 5 -4.91 -5.59 -0.52
CA TYR A 5 -3.87 -6.50 0.03
C TYR A 5 -2.49 -6.28 -0.62
N GLY A 6 -2.39 -5.32 -1.53
CA GLY A 6 -1.11 -5.02 -2.15
C GLY A 6 -0.28 -4.08 -1.31
N GLN A 7 1.03 -4.01 -1.61
CA GLN A 7 1.94 -3.16 -0.86
C GLN A 7 1.82 -1.72 -1.35
N CYS A 8 1.24 -0.87 -0.55
CA CYS A 8 0.97 0.51 -0.95
C CYS A 8 2.13 1.47 -0.70
N GLY A 9 3.31 0.94 -0.51
CA GLY A 9 4.45 1.82 -0.36
C GLY A 9 5.03 1.84 1.01
N GLY A 10 6.05 1.07 1.20
CA GLY A 10 6.79 1.13 2.43
C GLY A 10 8.03 1.94 2.21
N ILE A 11 8.94 1.88 3.15
CA ILE A 11 10.22 2.55 3.04
C ILE A 11 10.98 2.00 1.81
N GLY A 12 11.16 2.83 0.81
CA GLY A 12 11.89 2.41 -0.37
C GLY A 12 11.00 1.85 -1.48
N TYR A 13 9.70 1.83 -1.30
CA TYR A 13 8.82 1.33 -2.35
C TYR A 13 7.99 2.47 -2.91
N SER A 14 8.36 2.92 -4.09
CA SER A 14 7.71 4.01 -4.76
C SER A 14 6.91 3.51 -5.98
N GLY A 15 6.44 2.27 -5.90
CA GLY A 15 5.64 1.70 -6.97
C GLY A 15 4.19 2.13 -6.87
N PRO A 16 3.22 1.24 -7.14
CA PRO A 16 1.81 1.57 -6.98
C PRO A 16 1.47 1.78 -5.51
N THR A 17 1.46 3.02 -5.11
CA THR A 17 1.25 3.39 -3.75
C THR A 17 -0.15 3.95 -3.53
N VAL A 18 -0.85 4.16 -4.61
CA VAL A 18 -2.18 4.69 -4.54
C VAL A 18 -3.14 3.53 -4.54
N CYS A 19 -3.91 3.41 -3.49
CA CYS A 19 -4.81 2.29 -3.33
C CYS A 19 -6.08 2.52 -4.14
N ALA A 20 -6.70 1.43 -4.55
CA ALA A 20 -7.94 1.45 -5.27
C ALA A 20 -9.03 2.06 -4.40
N SER A 21 -10.01 2.67 -5.05
CA SER A 21 -11.10 3.32 -4.38
C SER A 21 -11.87 2.34 -3.49
N GLY A 22 -11.80 2.57 -2.20
CA GLY A 22 -12.47 1.69 -1.27
C GLY A 22 -11.51 1.05 -0.32
N THR A 23 -10.23 1.17 -0.62
CA THR A 23 -9.22 0.61 0.24
C THR A 23 -8.31 1.72 0.74
N THR A 24 -7.66 1.51 1.85
CA THR A 24 -6.78 2.51 2.40
C THR A 24 -5.40 1.94 2.70
N CYS A 25 -4.37 2.73 2.46
CA CYS A 25 -3.00 2.31 2.70
C CYS A 25 -2.73 2.24 4.17
N GLN A 26 -2.48 1.06 4.66
CA GLN A 26 -2.23 0.83 6.05
C GLN A 26 -0.80 0.38 6.19
N VAL A 27 -0.07 0.99 7.07
CA VAL A 27 1.31 0.64 7.25
C VAL A 27 1.43 -0.43 8.33
N LEU A 28 1.64 -1.66 7.91
CA LEU A 28 1.67 -2.79 8.84
C LEU A 28 3.05 -2.94 9.44
N ASN A 29 4.02 -2.71 8.63
CA ASN A 29 5.41 -2.83 9.02
C ASN A 29 6.10 -1.63 8.42
N PRO A 30 7.34 -1.29 8.86
CA PRO A 30 8.05 -0.12 8.32
C PRO A 30 8.19 -0.16 6.78
N TYR A 31 8.52 -1.32 6.24
CA TYR A 31 8.67 -1.42 4.80
C TYR A 31 7.41 -2.02 4.18
N TYR A 32 6.67 -2.80 4.92
CA TYR A 32 5.46 -3.36 4.35
C TYR A 32 4.22 -2.53 4.68
N SER A 33 3.64 -1.96 3.68
CA SER A 33 2.40 -1.24 3.80
C SER A 33 1.39 -1.99 2.94
N GLN A 34 0.15 -2.01 3.31
CA GLN A 34 -0.85 -2.77 2.58
C GLN A 34 -2.16 -2.01 2.48
N CYS A 35 -2.77 -2.02 1.31
CA CYS A 35 -4.07 -1.40 1.16
C CYS A 35 -5.15 -2.31 1.71
N LEU A 36 -5.81 -1.85 2.71
CA LEU A 36 -6.89 -2.55 3.33
C LEU A 36 -8.11 -1.70 3.23
N THR A 1 -2.32 1.90 -9.49
CA THR A 1 -3.22 1.97 -8.36
C THR A 1 -3.28 0.60 -7.68
N GLN A 2 -2.74 0.55 -6.47
CA GLN A 2 -2.55 -0.67 -5.74
C GLN A 2 -3.88 -1.31 -5.31
N SER A 3 -4.04 -2.57 -5.66
CA SER A 3 -5.23 -3.30 -5.34
C SER A 3 -5.28 -3.72 -3.87
N HIS A 4 -6.43 -4.26 -3.47
CA HIS A 4 -6.65 -4.72 -2.11
C HIS A 4 -5.64 -5.82 -1.77
N TYR A 5 -5.00 -5.68 -0.60
CA TYR A 5 -3.98 -6.60 -0.08
C TYR A 5 -2.62 -6.40 -0.74
N GLY A 6 -2.54 -5.44 -1.63
CA GLY A 6 -1.29 -5.15 -2.28
C GLY A 6 -0.44 -4.25 -1.43
N GLN A 7 0.86 -4.24 -1.68
CA GLN A 7 1.75 -3.39 -0.94
C GLN A 7 1.76 -2.01 -1.55
N CYS A 8 1.14 -1.08 -0.88
CA CYS A 8 1.05 0.28 -1.36
C CYS A 8 2.38 0.99 -1.35
N GLY A 9 3.13 0.84 -0.29
CA GLY A 9 4.37 1.53 -0.25
C GLY A 9 4.92 1.73 1.11
N GLY A 10 5.90 0.96 1.43
CA GLY A 10 6.65 1.16 2.63
C GLY A 10 7.93 1.86 2.27
N ILE A 11 8.84 1.94 3.20
CA ILE A 11 10.15 2.52 2.95
C ILE A 11 10.88 1.72 1.85
N GLY A 12 11.11 2.34 0.73
CA GLY A 12 11.82 1.69 -0.34
C GLY A 12 10.91 1.21 -1.44
N TYR A 13 9.63 1.51 -1.32
CA TYR A 13 8.69 1.13 -2.35
C TYR A 13 8.11 2.41 -2.94
N SER A 14 8.20 2.54 -4.24
CA SER A 14 7.76 3.74 -4.92
C SER A 14 6.87 3.42 -6.13
N GLY A 15 6.25 2.27 -6.10
CA GLY A 15 5.40 1.85 -7.20
C GLY A 15 3.98 2.34 -7.03
N PRO A 16 2.99 1.46 -7.17
CA PRO A 16 1.60 1.83 -6.95
C PRO A 16 1.33 2.10 -5.47
N THR A 17 1.42 3.34 -5.10
CA THR A 17 1.29 3.78 -3.75
C THR A 17 -0.16 4.10 -3.43
N VAL A 18 -0.84 4.64 -4.41
CA VAL A 18 -2.21 5.00 -4.26
C VAL A 18 -3.05 3.74 -4.40
N CYS A 19 -3.76 3.43 -3.36
CA CYS A 19 -4.62 2.27 -3.31
C CYS A 19 -5.89 2.51 -4.10
N ALA A 20 -6.53 1.44 -4.54
CA ALA A 20 -7.76 1.52 -5.28
C ALA A 20 -8.87 2.02 -4.38
N SER A 21 -9.88 2.60 -4.98
CA SER A 21 -11.01 3.15 -4.28
C SER A 21 -11.68 2.07 -3.42
N GLY A 22 -11.62 2.26 -2.12
CA GLY A 22 -12.18 1.32 -1.20
C GLY A 22 -11.12 0.78 -0.26
N THR A 23 -9.89 0.93 -0.63
CA THR A 23 -8.80 0.45 0.17
C THR A 23 -7.95 1.60 0.70
N THR A 24 -7.42 1.44 1.88
CA THR A 24 -6.56 2.43 2.49
C THR A 24 -5.19 1.82 2.74
N CYS A 25 -4.16 2.58 2.47
CA CYS A 25 -2.80 2.10 2.65
C CYS A 25 -2.48 1.97 4.14
N GLN A 26 -2.51 0.77 4.63
CA GLN A 26 -2.26 0.48 6.01
C GLN A 26 -0.80 0.21 6.20
N VAL A 27 -0.16 1.05 6.94
CA VAL A 27 1.23 0.86 7.23
C VAL A 27 1.33 -0.17 8.34
N LEU A 28 1.63 -1.38 7.98
CA LEU A 28 1.70 -2.47 8.93
C LEU A 28 3.06 -2.47 9.57
N ASN A 29 4.04 -2.29 8.75
CA ASN A 29 5.42 -2.29 9.14
C ASN A 29 6.04 -1.13 8.41
N PRO A 30 7.25 -0.66 8.80
CA PRO A 30 7.89 0.49 8.13
C PRO A 30 8.10 0.26 6.63
N TYR A 31 8.38 -0.96 6.23
CA TYR A 31 8.60 -1.22 4.84
C TYR A 31 7.39 -1.93 4.22
N TYR A 32 6.64 -2.65 5.04
CA TYR A 32 5.45 -3.30 4.54
C TYR A 32 4.18 -2.49 4.81
N SER A 33 3.56 -2.03 3.77
CA SER A 33 2.31 -1.33 3.85
C SER A 33 1.32 -2.06 2.94
N GLN A 34 0.08 -2.18 3.32
CA GLN A 34 -0.89 -2.93 2.55
C GLN A 34 -2.23 -2.18 2.43
N CYS A 35 -2.79 -2.16 1.24
CA CYS A 35 -4.06 -1.51 1.02
C CYS A 35 -5.21 -2.38 1.53
N LEU A 36 -5.86 -1.89 2.56
CA LEU A 36 -6.99 -2.55 3.16
C LEU A 36 -8.17 -1.61 3.13
N THR A 1 -3.14 1.81 -9.90
CA THR A 1 -3.82 1.89 -8.65
C THR A 1 -3.55 0.59 -7.88
N GLN A 2 -3.07 0.70 -6.67
CA GLN A 2 -2.66 -0.44 -5.89
C GLN A 2 -3.86 -1.20 -5.37
N SER A 3 -3.95 -2.43 -5.80
CA SER A 3 -5.02 -3.31 -5.45
C SER A 3 -5.04 -3.69 -3.95
N HIS A 4 -6.13 -4.31 -3.53
CA HIS A 4 -6.34 -4.71 -2.16
C HIS A 4 -5.28 -5.75 -1.78
N TYR A 5 -4.66 -5.55 -0.63
CA TYR A 5 -3.56 -6.38 -0.10
C TYR A 5 -2.23 -6.11 -0.80
N GLY A 6 -2.22 -5.11 -1.64
CA GLY A 6 -1.00 -4.71 -2.30
C GLY A 6 -0.19 -3.81 -1.40
N GLN A 7 1.11 -3.77 -1.62
CA GLN A 7 1.98 -2.94 -0.84
C GLN A 7 1.82 -1.50 -1.32
N CYS A 8 1.26 -0.68 -0.49
CA CYS A 8 0.91 0.69 -0.87
C CYS A 8 2.04 1.70 -0.66
N GLY A 9 3.21 1.23 -0.34
CA GLY A 9 4.29 2.16 -0.18
C GLY A 9 4.94 2.08 1.15
N GLY A 10 5.89 1.20 1.26
CA GLY A 10 6.69 1.13 2.44
C GLY A 10 7.99 1.83 2.19
N ILE A 11 8.88 1.85 3.15
CA ILE A 11 10.19 2.41 2.95
C ILE A 11 10.90 1.64 1.83
N GLY A 12 11.22 2.34 0.75
CA GLY A 12 11.89 1.72 -0.35
C GLY A 12 10.96 1.39 -1.51
N TYR A 13 9.68 1.39 -1.27
CA TYR A 13 8.72 1.03 -2.29
C TYR A 13 8.32 2.29 -3.05
N SER A 14 8.38 2.24 -4.35
CA SER A 14 8.12 3.41 -5.17
C SER A 14 7.14 3.11 -6.31
N GLY A 15 6.63 1.89 -6.36
CA GLY A 15 5.69 1.52 -7.40
C GLY A 15 4.27 2.00 -7.10
N PRO A 16 3.25 1.14 -7.26
CA PRO A 16 1.86 1.50 -6.97
C PRO A 16 1.66 1.84 -5.48
N THR A 17 1.41 3.10 -5.21
CA THR A 17 1.26 3.59 -3.86
C THR A 17 -0.16 4.07 -3.54
N VAL A 18 -0.91 4.43 -4.57
CA VAL A 18 -2.28 4.87 -4.36
C VAL A 18 -3.21 3.69 -4.47
N CYS A 19 -3.85 3.37 -3.37
CA CYS A 19 -4.73 2.21 -3.29
C CYS A 19 -6.02 2.43 -4.07
N ALA A 20 -6.68 1.35 -4.41
CA ALA A 20 -7.94 1.39 -5.12
C ALA A 20 -9.05 1.97 -4.26
N SER A 21 -10.06 2.51 -4.91
CA SER A 21 -11.21 3.10 -4.26
C SER A 21 -11.90 2.08 -3.36
N GLY A 22 -11.87 2.34 -2.08
CA GLY A 22 -12.47 1.46 -1.13
C GLY A 22 -11.43 0.91 -0.18
N THR A 23 -10.19 0.95 -0.60
CA THR A 23 -9.12 0.41 0.19
C THR A 23 -8.23 1.55 0.72
N THR A 24 -7.69 1.37 1.88
CA THR A 24 -6.84 2.36 2.51
C THR A 24 -5.44 1.81 2.74
N CYS A 25 -4.43 2.62 2.49
CA CYS A 25 -3.06 2.21 2.71
C CYS A 25 -2.78 2.09 4.21
N GLN A 26 -2.63 0.88 4.67
CA GLN A 26 -2.37 0.60 6.05
C GLN A 26 -0.90 0.28 6.24
N VAL A 27 -0.22 1.09 6.99
CA VAL A 27 1.18 0.83 7.27
C VAL A 27 1.25 -0.26 8.33
N LEU A 28 1.54 -1.47 7.90
CA LEU A 28 1.59 -2.59 8.80
C LEU A 28 2.95 -2.67 9.46
N ASN A 29 3.97 -2.42 8.70
CA ASN A 29 5.34 -2.49 9.15
C ASN A 29 6.10 -1.35 8.50
N PRO A 30 7.35 -1.05 8.93
CA PRO A 30 8.15 0.05 8.34
C PRO A 30 8.27 -0.09 6.82
N TYR A 31 8.52 -1.28 6.32
CA TYR A 31 8.64 -1.41 4.89
C TYR A 31 7.36 -1.99 4.30
N TYR A 32 6.61 -2.74 5.07
CA TYR A 32 5.41 -3.31 4.52
C TYR A 32 4.16 -2.47 4.82
N SER A 33 3.57 -1.94 3.81
CA SER A 33 2.33 -1.23 3.91
C SER A 33 1.35 -1.94 3.00
N GLN A 34 0.12 -2.08 3.40
CA GLN A 34 -0.84 -2.87 2.64
C GLN A 34 -2.17 -2.15 2.50
N CYS A 35 -2.72 -2.14 1.30
CA CYS A 35 -4.02 -1.53 1.07
C CYS A 35 -5.12 -2.43 1.60
N LEU A 36 -5.86 -1.94 2.56
CA LEU A 36 -6.94 -2.66 3.17
C LEU A 36 -8.20 -1.84 3.05
N THR A 1 -3.11 1.26 -10.21
CA THR A 1 -3.57 1.49 -8.87
C THR A 1 -3.36 0.22 -8.05
N GLN A 2 -2.92 0.39 -6.80
CA GLN A 2 -2.63 -0.75 -5.94
C GLN A 2 -3.95 -1.35 -5.44
N SER A 3 -4.12 -2.62 -5.68
CA SER A 3 -5.30 -3.32 -5.30
C SER A 3 -5.27 -3.70 -3.81
N HIS A 4 -6.39 -4.23 -3.33
CA HIS A 4 -6.55 -4.64 -1.97
C HIS A 4 -5.56 -5.78 -1.67
N TYR A 5 -4.85 -5.65 -0.54
CA TYR A 5 -3.82 -6.60 -0.07
C TYR A 5 -2.47 -6.41 -0.77
N GLY A 6 -2.37 -5.40 -1.60
CA GLY A 6 -1.13 -5.11 -2.26
C GLY A 6 -0.27 -4.22 -1.39
N GLN A 7 1.01 -4.13 -1.72
CA GLN A 7 1.93 -3.33 -0.96
C GLN A 7 1.84 -1.89 -1.44
N CYS A 8 1.24 -1.04 -0.63
CA CYS A 8 0.96 0.35 -1.02
C CYS A 8 2.12 1.29 -0.78
N GLY A 9 3.27 0.76 -0.49
CA GLY A 9 4.39 1.61 -0.34
C GLY A 9 4.90 1.68 1.05
N GLY A 10 5.93 0.95 1.30
CA GLY A 10 6.62 1.05 2.53
C GLY A 10 7.81 1.91 2.30
N ILE A 11 8.68 2.03 3.28
CA ILE A 11 9.90 2.81 3.13
C ILE A 11 10.71 2.34 1.90
N GLY A 12 10.88 3.23 0.95
CA GLY A 12 11.65 2.91 -0.24
C GLY A 12 10.80 2.42 -1.40
N TYR A 13 9.64 1.87 -1.10
CA TYR A 13 8.79 1.31 -2.14
C TYR A 13 7.99 2.44 -2.77
N SER A 14 8.30 2.73 -4.00
CA SER A 14 7.72 3.86 -4.69
C SER A 14 6.91 3.39 -5.91
N GLY A 15 6.53 2.13 -5.91
CA GLY A 15 5.73 1.59 -6.99
C GLY A 15 4.25 1.93 -6.83
N PRO A 16 3.34 0.93 -7.00
CA PRO A 16 1.91 1.15 -6.79
C PRO A 16 1.65 1.54 -5.33
N THR A 17 1.44 2.82 -5.12
CA THR A 17 1.35 3.37 -3.79
C THR A 17 -0.03 3.95 -3.48
N VAL A 18 -0.81 4.15 -4.51
CA VAL A 18 -2.14 4.67 -4.33
C VAL A 18 -3.11 3.51 -4.39
N CYS A 19 -3.89 3.34 -3.36
CA CYS A 19 -4.80 2.23 -3.27
C CYS A 19 -6.07 2.49 -4.05
N ALA A 20 -6.69 1.42 -4.50
CA ALA A 20 -7.96 1.48 -5.22
C ALA A 20 -9.01 2.12 -4.34
N SER A 21 -9.91 2.84 -4.95
CA SER A 21 -10.97 3.53 -4.26
C SER A 21 -11.78 2.55 -3.40
N GLY A 22 -11.73 2.73 -2.11
CA GLY A 22 -12.38 1.84 -1.21
C GLY A 22 -11.40 1.21 -0.26
N THR A 23 -10.16 1.14 -0.67
CA THR A 23 -9.13 0.59 0.17
C THR A 23 -8.20 1.70 0.65
N THR A 24 -7.61 1.51 1.78
CA THR A 24 -6.75 2.51 2.35
C THR A 24 -5.37 1.94 2.70
N CYS A 25 -4.32 2.68 2.38
CA CYS A 25 -2.97 2.24 2.64
C CYS A 25 -2.70 2.17 4.13
N GLN A 26 -2.43 0.99 4.61
CA GLN A 26 -2.14 0.77 6.00
C GLN A 26 -0.69 0.40 6.15
N VAL A 27 -0.02 1.05 7.04
CA VAL A 27 1.34 0.72 7.34
C VAL A 27 1.33 -0.44 8.31
N LEU A 28 1.64 -1.62 7.82
CA LEU A 28 1.65 -2.79 8.65
C LEU A 28 2.99 -2.94 9.31
N ASN A 29 4.02 -2.63 8.56
CA ASN A 29 5.38 -2.69 9.01
C ASN A 29 6.10 -1.53 8.33
N PRO A 30 7.33 -1.16 8.76
CA PRO A 30 8.07 -0.03 8.16
C PRO A 30 8.20 -0.10 6.63
N TYR A 31 8.51 -1.26 6.11
CA TYR A 31 8.68 -1.39 4.68
C TYR A 31 7.44 -2.04 4.05
N TYR A 32 6.72 -2.81 4.82
CA TYR A 32 5.51 -3.41 4.30
C TYR A 32 4.26 -2.59 4.63
N SER A 33 3.64 -2.06 3.64
CA SER A 33 2.41 -1.35 3.81
C SER A 33 1.41 -2.04 2.90
N GLN A 34 0.18 -2.11 3.27
CA GLN A 34 -0.81 -2.83 2.49
C GLN A 34 -2.11 -2.07 2.38
N CYS A 35 -2.73 -2.11 1.23
CA CYS A 35 -4.02 -1.48 1.04
C CYS A 35 -5.11 -2.32 1.66
N LEU A 36 -5.73 -1.76 2.65
CA LEU A 36 -6.82 -2.32 3.38
C LEU A 36 -7.80 -1.19 3.58
N THR A 1 -2.45 2.18 -9.63
CA THR A 1 -3.31 1.98 -8.50
C THR A 1 -2.96 0.65 -7.85
N GLN A 2 -2.82 0.63 -6.55
CA GLN A 2 -2.45 -0.57 -5.84
C GLN A 2 -3.70 -1.36 -5.48
N SER A 3 -3.72 -2.60 -5.91
CA SER A 3 -4.81 -3.49 -5.64
C SER A 3 -4.92 -3.84 -4.14
N HIS A 4 -6.09 -4.29 -3.75
CA HIS A 4 -6.38 -4.68 -2.37
C HIS A 4 -5.41 -5.82 -1.97
N TYR A 5 -4.76 -5.64 -0.83
CA TYR A 5 -3.72 -6.56 -0.28
C TYR A 5 -2.35 -6.34 -0.94
N GLY A 6 -2.25 -5.29 -1.72
CA GLY A 6 -0.99 -4.93 -2.31
C GLY A 6 -0.20 -4.04 -1.37
N GLN A 7 1.10 -3.97 -1.58
CA GLN A 7 1.96 -3.18 -0.74
C GLN A 7 1.85 -1.73 -1.18
N CYS A 8 1.20 -0.93 -0.39
CA CYS A 8 0.86 0.45 -0.77
C CYS A 8 1.99 1.45 -0.61
N GLY A 9 3.18 0.99 -0.38
CA GLY A 9 4.26 1.91 -0.27
C GLY A 9 4.86 1.97 1.09
N GLY A 10 5.82 1.14 1.31
CA GLY A 10 6.61 1.22 2.49
C GLY A 10 7.89 1.92 2.15
N ILE A 11 8.81 2.00 3.07
CA ILE A 11 10.12 2.58 2.78
C ILE A 11 10.79 1.77 1.66
N GLY A 12 10.98 2.39 0.51
CA GLY A 12 11.66 1.73 -0.57
C GLY A 12 10.73 1.24 -1.67
N TYR A 13 9.43 1.28 -1.42
CA TYR A 13 8.48 0.83 -2.42
C TYR A 13 7.96 2.05 -3.15
N SER A 14 8.40 2.24 -4.37
CA SER A 14 8.06 3.40 -5.13
C SER A 14 7.13 3.06 -6.30
N GLY A 15 6.52 1.90 -6.23
CA GLY A 15 5.57 1.49 -7.24
C GLY A 15 4.19 2.07 -6.98
N PRO A 16 3.12 1.31 -7.20
CA PRO A 16 1.77 1.79 -6.95
C PRO A 16 1.51 2.02 -5.45
N THR A 17 1.41 3.26 -5.07
CA THR A 17 1.19 3.60 -3.69
C THR A 17 -0.25 4.03 -3.42
N VAL A 18 -0.95 4.44 -4.45
CA VAL A 18 -2.32 4.87 -4.30
C VAL A 18 -3.22 3.65 -4.41
N CYS A 19 -3.88 3.33 -3.34
CA CYS A 19 -4.75 2.17 -3.28
C CYS A 19 -6.05 2.41 -4.05
N ALA A 20 -6.71 1.32 -4.41
CA ALA A 20 -7.99 1.37 -5.10
C ALA A 20 -9.03 2.07 -4.22
N SER A 21 -9.98 2.71 -4.84
CA SER A 21 -11.00 3.45 -4.13
C SER A 21 -11.82 2.50 -3.25
N GLY A 22 -11.73 2.71 -1.96
CA GLY A 22 -12.41 1.86 -1.02
C GLY A 22 -11.42 1.11 -0.18
N THR A 23 -10.17 1.08 -0.61
CA THR A 23 -9.13 0.42 0.15
C THR A 23 -8.21 1.47 0.72
N THR A 24 -7.71 1.24 1.89
CA THR A 24 -6.88 2.21 2.55
C THR A 24 -5.48 1.68 2.80
N CYS A 25 -4.49 2.47 2.50
CA CYS A 25 -3.10 2.12 2.73
C CYS A 25 -2.83 2.02 4.21
N GLN A 26 -2.66 0.82 4.68
CA GLN A 26 -2.39 0.58 6.06
C GLN A 26 -0.92 0.25 6.23
N VAL A 27 -0.20 1.08 6.93
CA VAL A 27 1.21 0.84 7.18
C VAL A 27 1.34 -0.12 8.33
N LEU A 28 1.72 -1.33 8.03
CA LEU A 28 1.83 -2.38 9.02
C LEU A 28 3.21 -2.38 9.62
N ASN A 29 4.19 -2.46 8.76
CA ASN A 29 5.59 -2.49 9.15
C ASN A 29 6.21 -1.25 8.55
N PRO A 30 7.45 -0.87 8.93
CA PRO A 30 8.12 0.29 8.33
C PRO A 30 8.22 0.19 6.80
N TYR A 31 8.46 -1.02 6.31
CA TYR A 31 8.59 -1.21 4.88
C TYR A 31 7.35 -1.86 4.30
N TYR A 32 6.62 -2.61 5.09
CA TYR A 32 5.43 -3.24 4.61
C TYR A 32 4.16 -2.44 4.90
N SER A 33 3.54 -2.00 3.87
CA SER A 33 2.29 -1.29 3.96
C SER A 33 1.32 -2.04 3.06
N GLN A 34 0.06 -2.13 3.41
CA GLN A 34 -0.90 -2.90 2.63
C GLN A 34 -2.22 -2.17 2.47
N CYS A 35 -2.77 -2.18 1.26
CA CYS A 35 -4.08 -1.58 1.02
C CYS A 35 -5.18 -2.49 1.52
N LEU A 36 -5.88 -2.03 2.49
CA LEU A 36 -7.00 -2.71 3.07
C LEU A 36 -8.22 -1.86 2.91
N THR A 1 -2.39 2.63 -9.50
CA THR A 1 -3.21 2.43 -8.34
C THR A 1 -2.97 1.01 -7.79
N GLN A 2 -2.84 0.91 -6.48
CA GLN A 2 -2.56 -0.33 -5.83
C GLN A 2 -3.85 -1.10 -5.59
N SER A 3 -3.86 -2.35 -6.00
CA SER A 3 -5.00 -3.20 -5.82
C SER A 3 -5.15 -3.63 -4.34
N HIS A 4 -6.23 -4.29 -4.02
CA HIS A 4 -6.48 -4.69 -2.65
C HIS A 4 -5.47 -5.75 -2.25
N TYR A 5 -4.87 -5.57 -1.07
CA TYR A 5 -3.88 -6.49 -0.48
C TYR A 5 -2.48 -6.29 -1.01
N GLY A 6 -2.27 -5.20 -1.73
CA GLY A 6 -0.95 -4.89 -2.24
C GLY A 6 -0.24 -3.89 -1.37
N GLN A 7 1.08 -3.84 -1.50
CA GLN A 7 1.90 -2.93 -0.72
C GLN A 7 1.77 -1.48 -1.22
N CYS A 8 1.19 -0.64 -0.41
CA CYS A 8 0.91 0.77 -0.78
C CYS A 8 2.09 1.71 -0.54
N GLY A 9 3.25 1.18 -0.34
CA GLY A 9 4.39 2.04 -0.24
C GLY A 9 5.22 1.76 0.96
N GLY A 10 6.22 0.99 0.75
CA GLY A 10 7.16 0.73 1.78
C GLY A 10 8.38 1.55 1.59
N ILE A 11 9.34 1.37 2.46
CA ILE A 11 10.60 2.05 2.32
C ILE A 11 11.39 1.39 1.19
N GLY A 12 11.53 2.09 0.11
CA GLY A 12 12.23 1.57 -1.02
C GLY A 12 11.27 1.09 -2.11
N TYR A 13 9.99 1.31 -1.88
CA TYR A 13 8.97 0.89 -2.83
C TYR A 13 8.66 2.07 -3.74
N SER A 14 8.56 1.81 -5.01
CA SER A 14 8.35 2.86 -5.97
C SER A 14 7.11 2.64 -6.84
N GLY A 15 6.40 1.56 -6.58
CA GLY A 15 5.23 1.23 -7.37
C GLY A 15 3.98 1.99 -6.93
N PRO A 16 2.80 1.37 -7.04
CA PRO A 16 1.55 2.01 -6.70
C PRO A 16 1.35 2.22 -5.19
N THR A 17 1.36 3.46 -4.79
CA THR A 17 1.21 3.84 -3.41
C THR A 17 -0.22 4.29 -3.08
N VAL A 18 -0.94 4.68 -4.11
CA VAL A 18 -2.31 5.11 -3.96
C VAL A 18 -3.21 3.88 -4.09
N CYS A 19 -4.06 3.67 -3.14
CA CYS A 19 -4.89 2.48 -3.10
C CYS A 19 -6.15 2.66 -3.92
N ALA A 20 -6.67 1.53 -4.42
CA ALA A 20 -7.87 1.52 -5.21
C ALA A 20 -9.09 1.88 -4.37
N SER A 21 -10.15 2.26 -5.05
CA SER A 21 -11.38 2.64 -4.43
C SER A 21 -11.90 1.51 -3.53
N GLY A 22 -12.04 1.80 -2.26
CA GLY A 22 -12.52 0.83 -1.33
C GLY A 22 -11.44 0.29 -0.43
N THR A 23 -10.21 0.74 -0.63
CA THR A 23 -9.11 0.26 0.19
C THR A 23 -8.35 1.43 0.81
N THR A 24 -7.74 1.17 1.95
CA THR A 24 -6.97 2.18 2.64
C THR A 24 -5.54 1.69 2.87
N CYS A 25 -4.57 2.56 2.80
CA CYS A 25 -3.18 2.17 3.00
C CYS A 25 -2.88 2.04 4.48
N GLN A 26 -2.74 0.83 4.94
CA GLN A 26 -2.47 0.55 6.32
C GLN A 26 -0.99 0.28 6.48
N VAL A 27 -0.29 1.13 7.19
CA VAL A 27 1.11 0.90 7.47
C VAL A 27 1.20 -0.11 8.60
N LEU A 28 1.33 -1.35 8.24
CA LEU A 28 1.38 -2.43 9.19
C LEU A 28 2.72 -2.46 9.86
N ASN A 29 3.75 -2.27 9.07
CA ASN A 29 5.11 -2.35 9.54
C ASN A 29 5.91 -1.21 8.92
N PRO A 30 7.13 -0.89 9.43
CA PRO A 30 7.95 0.22 8.92
C PRO A 30 8.17 0.17 7.40
N TYR A 31 8.38 -1.03 6.87
CA TYR A 31 8.60 -1.16 5.44
C TYR A 31 7.35 -1.70 4.76
N TYR A 32 6.54 -2.43 5.49
CA TYR A 32 5.35 -2.98 4.90
C TYR A 32 4.08 -2.13 5.11
N SER A 33 3.54 -1.61 4.05
CA SER A 33 2.28 -0.91 4.06
C SER A 33 1.35 -1.67 3.12
N GLN A 34 0.10 -1.88 3.48
CA GLN A 34 -0.80 -2.67 2.64
C GLN A 34 -2.16 -1.98 2.46
N CYS A 35 -2.68 -1.99 1.23
CA CYS A 35 -4.00 -1.44 0.99
C CYS A 35 -5.04 -2.44 1.40
N LEU A 36 -5.72 -2.13 2.45
CA LEU A 36 -6.73 -2.94 3.01
C LEU A 36 -8.02 -2.19 2.93
N THR A 1 -2.14 2.69 -9.46
CA THR A 1 -3.10 2.33 -8.44
C THR A 1 -2.77 0.93 -7.92
N GLN A 2 -2.94 0.72 -6.62
CA GLN A 2 -2.63 -0.52 -5.98
C GLN A 2 -3.91 -1.21 -5.51
N SER A 3 -4.04 -2.45 -5.85
CA SER A 3 -5.18 -3.25 -5.48
C SER A 3 -5.12 -3.68 -4.00
N HIS A 4 -6.23 -4.24 -3.54
CA HIS A 4 -6.40 -4.72 -2.18
C HIS A 4 -5.35 -5.81 -1.88
N TYR A 5 -4.72 -5.70 -0.69
CA TYR A 5 -3.66 -6.63 -0.22
C TYR A 5 -2.31 -6.40 -0.90
N GLY A 6 -2.22 -5.38 -1.70
CA GLY A 6 -0.99 -5.05 -2.34
C GLY A 6 -0.18 -4.13 -1.48
N GLN A 7 1.13 -4.17 -1.62
CA GLN A 7 2.00 -3.30 -0.88
C GLN A 7 1.85 -1.88 -1.42
N CYS A 8 1.29 -1.00 -0.60
CA CYS A 8 0.96 0.36 -1.02
C CYS A 8 2.06 1.36 -0.77
N GLY A 9 3.23 0.88 -0.48
CA GLY A 9 4.32 1.79 -0.33
C GLY A 9 4.85 1.85 1.05
N GLY A 10 5.80 1.03 1.30
CA GLY A 10 6.53 1.11 2.51
C GLY A 10 7.80 1.84 2.20
N ILE A 11 8.64 2.06 3.17
CA ILE A 11 9.91 2.74 2.93
C ILE A 11 10.74 1.96 1.89
N GLY A 12 10.97 2.57 0.75
CA GLY A 12 11.77 1.93 -0.27
C GLY A 12 10.95 1.40 -1.42
N TYR A 13 9.65 1.36 -1.25
CA TYR A 13 8.78 0.87 -2.30
C TYR A 13 8.24 2.07 -3.06
N SER A 14 8.51 2.12 -4.34
CA SER A 14 8.09 3.25 -5.16
C SER A 14 7.17 2.82 -6.31
N GLY A 15 6.53 1.68 -6.14
CA GLY A 15 5.58 1.20 -7.13
C GLY A 15 4.20 1.81 -6.93
N PRO A 16 3.12 1.05 -7.13
CA PRO A 16 1.77 1.55 -6.93
C PRO A 16 1.48 1.81 -5.44
N THR A 17 1.43 3.08 -5.10
CA THR A 17 1.26 3.48 -3.72
C THR A 17 -0.18 3.91 -3.39
N VAL A 18 -0.91 4.31 -4.42
CA VAL A 18 -2.27 4.78 -4.23
C VAL A 18 -3.24 3.63 -4.34
N CYS A 19 -3.89 3.32 -3.28
CA CYS A 19 -4.84 2.23 -3.25
C CYS A 19 -6.12 2.63 -3.95
N ALA A 20 -6.78 1.66 -4.55
CA ALA A 20 -8.06 1.87 -5.19
C ALA A 20 -9.07 2.30 -4.15
N SER A 21 -9.95 3.20 -4.51
CA SER A 21 -10.94 3.69 -3.59
C SER A 21 -11.83 2.54 -3.11
N GLY A 22 -11.90 2.41 -1.81
CA GLY A 22 -12.56 1.30 -1.20
C GLY A 22 -11.59 0.56 -0.32
N THR A 23 -10.31 0.83 -0.55
CA THR A 23 -9.25 0.26 0.25
C THR A 23 -8.37 1.40 0.74
N THR A 24 -7.73 1.24 1.86
CA THR A 24 -6.88 2.27 2.39
C THR A 24 -5.47 1.73 2.62
N CYS A 25 -4.45 2.54 2.41
CA CYS A 25 -3.09 2.09 2.63
C CYS A 25 -2.83 1.99 4.12
N GLN A 26 -2.59 0.79 4.58
CA GLN A 26 -2.32 0.55 5.97
C GLN A 26 -0.86 0.29 6.16
N VAL A 27 -0.22 1.17 6.89
CA VAL A 27 1.17 0.99 7.22
C VAL A 27 1.24 -0.04 8.32
N LEU A 28 1.62 -1.23 7.95
CA LEU A 28 1.68 -2.32 8.89
C LEU A 28 3.04 -2.35 9.53
N ASN A 29 4.04 -2.24 8.71
CA ASN A 29 5.43 -2.26 9.14
C ASN A 29 6.08 -1.07 8.46
N PRO A 30 7.35 -0.69 8.78
CA PRO A 30 8.00 0.45 8.12
C PRO A 30 8.13 0.26 6.62
N TYR A 31 8.48 -0.94 6.20
CA TYR A 31 8.68 -1.17 4.78
C TYR A 31 7.46 -1.88 4.20
N TYR A 32 6.73 -2.61 5.02
CA TYR A 32 5.54 -3.27 4.54
C TYR A 32 4.25 -2.45 4.81
N SER A 33 3.62 -2.02 3.77
CA SER A 33 2.37 -1.32 3.86
C SER A 33 1.40 -2.04 2.93
N GLN A 34 0.16 -2.17 3.30
CA GLN A 34 -0.80 -2.93 2.50
C GLN A 34 -2.14 -2.21 2.37
N CYS A 35 -2.72 -2.24 1.18
CA CYS A 35 -4.04 -1.64 0.97
C CYS A 35 -5.11 -2.54 1.53
N LEU A 36 -5.79 -2.06 2.51
CA LEU A 36 -6.85 -2.75 3.15
C LEU A 36 -8.08 -1.91 3.08
N THR A 1 -2.78 1.96 -10.12
CA THR A 1 -3.51 1.91 -8.86
C THR A 1 -3.20 0.58 -8.16
N GLN A 2 -3.07 0.62 -6.85
CA GLN A 2 -2.69 -0.56 -6.08
C GLN A 2 -3.93 -1.30 -5.61
N SER A 3 -4.02 -2.55 -6.02
CA SER A 3 -5.12 -3.43 -5.67
C SER A 3 -5.20 -3.73 -4.17
N HIS A 4 -6.39 -4.17 -3.74
CA HIS A 4 -6.65 -4.54 -2.36
C HIS A 4 -5.71 -5.67 -1.95
N TYR A 5 -5.03 -5.47 -0.81
CA TYR A 5 -4.02 -6.40 -0.27
C TYR A 5 -2.66 -6.25 -0.93
N GLY A 6 -2.51 -5.22 -1.73
CA GLY A 6 -1.23 -4.95 -2.33
C GLY A 6 -0.38 -4.09 -1.43
N GLN A 7 0.94 -4.23 -1.54
CA GLN A 7 1.85 -3.42 -0.77
C GLN A 7 1.79 -1.99 -1.29
N CYS A 8 1.21 -1.09 -0.53
CA CYS A 8 0.98 0.29 -0.96
C CYS A 8 2.18 1.19 -0.77
N GLY A 9 3.29 0.61 -0.42
CA GLY A 9 4.49 1.38 -0.34
C GLY A 9 4.96 1.63 1.04
N GLY A 10 5.97 0.90 1.43
CA GLY A 10 6.68 1.17 2.63
C GLY A 10 7.94 1.90 2.28
N ILE A 11 8.86 1.99 3.20
CA ILE A 11 10.14 2.64 2.91
C ILE A 11 10.89 1.84 1.84
N GLY A 12 11.12 2.46 0.70
CA GLY A 12 11.85 1.81 -0.36
C GLY A 12 10.94 1.39 -1.48
N TYR A 13 9.68 1.24 -1.17
CA TYR A 13 8.72 0.82 -2.16
C TYR A 13 7.99 2.06 -2.65
N SER A 14 8.32 2.50 -3.83
CA SER A 14 7.75 3.70 -4.37
C SER A 14 6.91 3.45 -5.62
N GLY A 15 6.53 2.21 -5.84
CA GLY A 15 5.70 1.89 -6.99
C GLY A 15 4.24 2.23 -6.75
N PRO A 16 3.33 1.27 -6.92
CA PRO A 16 1.91 1.49 -6.69
C PRO A 16 1.63 1.81 -5.21
N THR A 17 1.44 3.08 -4.96
CA THR A 17 1.25 3.58 -3.64
C THR A 17 -0.18 4.09 -3.42
N VAL A 18 -0.88 4.40 -4.51
CA VAL A 18 -2.26 4.85 -4.44
C VAL A 18 -3.18 3.66 -4.49
N CYS A 19 -3.89 3.43 -3.43
CA CYS A 19 -4.78 2.29 -3.31
C CYS A 19 -6.10 2.51 -4.03
N ALA A 20 -6.71 1.41 -4.44
CA ALA A 20 -7.99 1.43 -5.15
C ALA A 20 -9.14 1.93 -4.26
N SER A 21 -10.24 2.23 -4.90
CA SER A 21 -11.42 2.74 -4.23
C SER A 21 -11.94 1.74 -3.18
N GLY A 22 -11.98 2.18 -1.95
CA GLY A 22 -12.45 1.34 -0.89
C GLY A 22 -11.33 0.79 -0.03
N THR A 23 -10.11 1.03 -0.45
CA THR A 23 -8.98 0.54 0.28
C THR A 23 -8.13 1.70 0.77
N THR A 24 -7.48 1.49 1.87
CA THR A 24 -6.66 2.48 2.48
C THR A 24 -5.26 1.93 2.72
N CYS A 25 -4.27 2.73 2.49
CA CYS A 25 -2.89 2.31 2.66
C CYS A 25 -2.55 2.25 4.14
N GLN A 26 -2.43 1.06 4.64
CA GLN A 26 -2.11 0.85 6.02
C GLN A 26 -0.67 0.44 6.14
N VAL A 27 0.13 1.28 6.75
CA VAL A 27 1.52 0.95 6.99
C VAL A 27 1.58 -0.07 8.13
N LEU A 28 1.72 -1.32 7.76
CA LEU A 28 1.70 -2.43 8.72
C LEU A 28 3.05 -2.57 9.40
N ASN A 29 4.07 -2.31 8.66
CA ASN A 29 5.44 -2.39 9.11
C ASN A 29 6.15 -1.24 8.40
N PRO A 30 7.37 -0.85 8.82
CA PRO A 30 8.09 0.28 8.18
C PRO A 30 8.26 0.13 6.67
N TYR A 31 8.42 -1.09 6.18
CA TYR A 31 8.60 -1.28 4.77
C TYR A 31 7.36 -1.94 4.16
N TYR A 32 6.63 -2.68 4.96
CA TYR A 32 5.43 -3.31 4.48
C TYR A 32 4.19 -2.48 4.76
N SER A 33 3.57 -2.01 3.75
CA SER A 33 2.34 -1.28 3.85
C SER A 33 1.35 -1.98 2.95
N GLN A 34 0.10 -2.05 3.32
CA GLN A 34 -0.87 -2.77 2.53
C GLN A 34 -2.18 -2.02 2.40
N CYS A 35 -2.75 -2.04 1.21
CA CYS A 35 -4.04 -1.41 0.98
C CYS A 35 -5.13 -2.30 1.54
N LEU A 36 -5.69 -1.88 2.61
CA LEU A 36 -6.74 -2.55 3.25
C LEU A 36 -7.97 -1.75 3.05
N THR A 1 -2.81 2.23 -9.89
CA THR A 1 -3.47 2.16 -8.62
C THR A 1 -3.13 0.81 -7.95
N GLN A 2 -3.06 0.79 -6.64
CA GLN A 2 -2.73 -0.40 -5.92
C GLN A 2 -4.00 -1.09 -5.43
N SER A 3 -4.17 -2.30 -5.89
CA SER A 3 -5.31 -3.11 -5.55
C SER A 3 -5.31 -3.56 -4.08
N HIS A 4 -6.37 -4.27 -3.69
CA HIS A 4 -6.56 -4.72 -2.34
C HIS A 4 -5.49 -5.76 -2.00
N TYR A 5 -4.89 -5.63 -0.82
CA TYR A 5 -3.83 -6.52 -0.29
C TYR A 5 -2.46 -6.24 -0.89
N GLY A 6 -2.38 -5.29 -1.77
CA GLY A 6 -1.12 -4.94 -2.33
C GLY A 6 -0.35 -4.03 -1.42
N GLN A 7 0.95 -4.11 -1.47
CA GLN A 7 1.80 -3.24 -0.71
C GLN A 7 1.84 -1.92 -1.42
N CYS A 8 1.30 -0.88 -0.83
CA CYS A 8 1.24 0.41 -1.49
C CYS A 8 2.62 1.00 -1.57
N GLY A 9 3.36 0.93 -0.48
CA GLY A 9 4.64 1.51 -0.48
C GLY A 9 5.13 1.86 0.88
N GLY A 10 6.07 1.10 1.33
CA GLY A 10 6.76 1.39 2.54
C GLY A 10 8.06 2.03 2.20
N ILE A 11 8.98 2.05 3.12
CA ILE A 11 10.32 2.60 2.88
C ILE A 11 11.00 1.87 1.70
N GLY A 12 11.24 2.58 0.62
CA GLY A 12 12.00 2.02 -0.48
C GLY A 12 11.15 1.38 -1.54
N TYR A 13 9.85 1.45 -1.39
CA TYR A 13 8.95 0.88 -2.36
C TYR A 13 8.46 2.01 -3.25
N SER A 14 8.79 1.94 -4.51
CA SER A 14 8.48 2.99 -5.47
C SER A 14 7.40 2.55 -6.48
N GLY A 15 6.57 1.61 -6.09
CA GLY A 15 5.54 1.13 -6.98
C GLY A 15 4.22 1.88 -6.82
N PRO A 16 3.08 1.25 -7.12
CA PRO A 16 1.77 1.90 -6.98
C PRO A 16 1.41 2.15 -5.51
N THR A 17 1.46 3.39 -5.11
CA THR A 17 1.26 3.76 -3.74
C THR A 17 -0.19 4.17 -3.44
N VAL A 18 -0.90 4.67 -4.43
CA VAL A 18 -2.28 5.07 -4.23
C VAL A 18 -3.16 3.85 -4.36
N CYS A 19 -3.90 3.56 -3.32
CA CYS A 19 -4.75 2.39 -3.27
C CYS A 19 -6.04 2.65 -4.02
N ALA A 20 -6.72 1.58 -4.37
CA ALA A 20 -7.96 1.66 -5.10
C ALA A 20 -9.09 2.17 -4.20
N SER A 21 -10.15 2.60 -4.83
CA SER A 21 -11.30 3.08 -4.15
C SER A 21 -11.90 1.96 -3.29
N GLY A 22 -12.01 2.21 -2.01
CA GLY A 22 -12.52 1.22 -1.11
C GLY A 22 -11.43 0.56 -0.32
N THR A 23 -10.19 0.98 -0.52
CA THR A 23 -9.08 0.42 0.21
C THR A 23 -8.19 1.53 0.77
N THR A 24 -7.63 1.30 1.93
CA THR A 24 -6.77 2.25 2.57
C THR A 24 -5.44 1.60 2.89
N CYS A 25 -4.34 2.24 2.57
CA CYS A 25 -3.05 1.65 2.84
C CYS A 25 -2.71 1.73 4.31
N GLN A 26 -2.61 0.60 4.92
CA GLN A 26 -2.31 0.49 6.30
C GLN A 26 -0.86 0.13 6.47
N VAL A 27 -0.16 0.96 7.18
CA VAL A 27 1.23 0.75 7.46
C VAL A 27 1.33 -0.31 8.55
N LEU A 28 1.61 -1.50 8.14
CA LEU A 28 1.69 -2.62 9.06
C LEU A 28 3.08 -2.68 9.66
N ASN A 29 4.07 -2.45 8.82
CA ASN A 29 5.47 -2.42 9.20
C ASN A 29 6.01 -1.16 8.54
N PRO A 30 7.19 -0.64 8.94
CA PRO A 30 7.75 0.58 8.32
C PRO A 30 7.95 0.41 6.80
N TYR A 31 8.28 -0.79 6.39
CA TYR A 31 8.47 -1.05 4.98
C TYR A 31 7.23 -1.71 4.39
N TYR A 32 6.47 -2.42 5.20
CA TYR A 32 5.29 -3.09 4.70
C TYR A 32 4.03 -2.26 4.93
N SER A 33 3.43 -1.83 3.88
CA SER A 33 2.22 -1.07 3.96
C SER A 33 1.23 -1.67 2.96
N GLN A 34 0.10 -2.14 3.42
CA GLN A 34 -0.83 -2.88 2.59
C GLN A 34 -2.19 -2.18 2.46
N CYS A 35 -2.72 -2.11 1.25
CA CYS A 35 -4.02 -1.51 1.01
C CYS A 35 -5.14 -2.44 1.47
N LEU A 36 -5.80 -2.03 2.52
CA LEU A 36 -6.87 -2.76 3.11
C LEU A 36 -8.13 -1.94 3.00
N THR A 1 -2.64 1.50 -9.92
CA THR A 1 -3.29 1.64 -8.64
C THR A 1 -3.04 0.35 -7.86
N GLN A 2 -2.76 0.46 -6.58
CA GLN A 2 -2.46 -0.70 -5.79
C GLN A 2 -3.76 -1.36 -5.37
N SER A 3 -3.88 -2.63 -5.67
CA SER A 3 -5.06 -3.36 -5.37
C SER A 3 -5.11 -3.75 -3.88
N HIS A 4 -6.24 -4.27 -3.47
CA HIS A 4 -6.47 -4.70 -2.11
C HIS A 4 -5.47 -5.81 -1.74
N TYR A 5 -4.81 -5.64 -0.59
CA TYR A 5 -3.77 -6.57 -0.06
C TYR A 5 -2.43 -6.42 -0.78
N GLY A 6 -2.28 -5.35 -1.54
CA GLY A 6 -1.03 -5.07 -2.18
C GLY A 6 -0.22 -4.08 -1.36
N GLN A 7 1.07 -4.03 -1.61
CA GLN A 7 1.96 -3.13 -0.91
C GLN A 7 1.83 -1.70 -1.45
N CYS A 8 1.27 -0.83 -0.65
CA CYS A 8 0.96 0.54 -1.06
C CYS A 8 2.10 1.51 -0.81
N GLY A 9 3.25 1.01 -0.48
CA GLY A 9 4.35 1.90 -0.30
C GLY A 9 4.87 1.94 1.08
N GLY A 10 5.82 1.10 1.34
CA GLY A 10 6.55 1.18 2.56
C GLY A 10 7.83 1.88 2.26
N ILE A 11 8.72 1.90 3.20
CA ILE A 11 10.03 2.45 2.96
C ILE A 11 10.71 1.57 1.90
N GLY A 12 11.13 2.18 0.82
CA GLY A 12 11.81 1.44 -0.21
C GLY A 12 10.90 1.02 -1.35
N TYR A 13 9.62 1.31 -1.24
CA TYR A 13 8.70 0.97 -2.29
C TYR A 13 8.17 2.25 -2.90
N SER A 14 8.45 2.45 -4.16
CA SER A 14 8.07 3.66 -4.83
C SER A 14 7.10 3.40 -5.99
N GLY A 15 6.58 2.18 -6.05
CA GLY A 15 5.63 1.80 -7.10
C GLY A 15 4.22 2.32 -6.83
N PRO A 16 3.15 1.55 -7.16
CA PRO A 16 1.78 1.98 -6.92
C PRO A 16 1.48 2.18 -5.43
N THR A 17 1.41 3.42 -5.04
CA THR A 17 1.19 3.80 -3.67
C THR A 17 -0.27 4.15 -3.42
N VAL A 18 -0.95 4.52 -4.49
CA VAL A 18 -2.35 4.88 -4.43
C VAL A 18 -3.17 3.61 -4.52
N CYS A 19 -3.92 3.35 -3.48
CA CYS A 19 -4.74 2.17 -3.37
C CYS A 19 -6.04 2.35 -4.13
N ALA A 20 -6.66 1.24 -4.44
CA ALA A 20 -7.97 1.22 -5.08
C ALA A 20 -9.00 1.92 -4.20
N SER A 21 -9.99 2.53 -4.82
CA SER A 21 -11.00 3.25 -4.10
C SER A 21 -11.77 2.26 -3.22
N GLY A 22 -11.76 2.51 -1.93
CA GLY A 22 -12.40 1.63 -0.99
C GLY A 22 -11.37 0.99 -0.09
N THR A 23 -10.13 0.97 -0.54
CA THR A 23 -9.07 0.41 0.22
C THR A 23 -8.15 1.50 0.71
N THR A 24 -7.64 1.36 1.89
CA THR A 24 -6.80 2.38 2.45
C THR A 24 -5.40 1.85 2.71
N CYS A 25 -4.41 2.68 2.51
CA CYS A 25 -3.03 2.25 2.70
C CYS A 25 -2.72 2.14 4.19
N GLN A 26 -2.59 0.92 4.65
CA GLN A 26 -2.29 0.66 6.03
C GLN A 26 -0.83 0.29 6.15
N VAL A 27 -0.06 1.13 6.79
CA VAL A 27 1.32 0.84 7.01
C VAL A 27 1.42 -0.16 8.16
N LEU A 28 1.60 -1.43 7.79
CA LEU A 28 1.63 -2.51 8.76
C LEU A 28 2.99 -2.63 9.38
N ASN A 29 3.98 -2.37 8.59
CA ASN A 29 5.36 -2.45 8.98
C ASN A 29 6.05 -1.29 8.31
N PRO A 30 7.27 -0.92 8.72
CA PRO A 30 8.00 0.19 8.11
C PRO A 30 8.16 0.05 6.59
N TYR A 31 8.41 -1.15 6.11
CA TYR A 31 8.57 -1.32 4.68
C TYR A 31 7.32 -1.94 4.07
N TYR A 32 6.58 -2.69 4.85
CA TYR A 32 5.38 -3.25 4.32
C TYR A 32 4.14 -2.42 4.66
N SER A 33 3.54 -1.87 3.65
CA SER A 33 2.30 -1.16 3.78
C SER A 33 1.31 -1.88 2.89
N GLN A 34 0.11 -2.08 3.33
CA GLN A 34 -0.87 -2.85 2.56
C GLN A 34 -2.18 -2.11 2.44
N CYS A 35 -2.77 -2.13 1.25
CA CYS A 35 -4.06 -1.51 1.05
C CYS A 35 -5.16 -2.39 1.59
N LEU A 36 -5.82 -1.90 2.60
CA LEU A 36 -6.92 -2.56 3.23
C LEU A 36 -8.10 -1.65 3.14
N THR A 1 -2.72 2.03 -9.77
CA THR A 1 -3.51 1.94 -8.59
C THR A 1 -3.21 0.62 -7.90
N GLN A 2 -2.86 0.68 -6.65
CA GLN A 2 -2.50 -0.49 -5.88
C GLN A 2 -3.74 -1.31 -5.57
N SER A 3 -3.68 -2.59 -5.89
CA SER A 3 -4.78 -3.49 -5.68
C SER A 3 -4.95 -3.82 -4.18
N HIS A 4 -6.08 -4.42 -3.83
CA HIS A 4 -6.37 -4.75 -2.45
C HIS A 4 -5.37 -5.82 -2.00
N TYR A 5 -4.76 -5.58 -0.83
CA TYR A 5 -3.71 -6.43 -0.24
C TYR A 5 -2.35 -6.19 -0.89
N GLY A 6 -2.27 -5.17 -1.70
CA GLY A 6 -1.01 -4.81 -2.30
C GLY A 6 -0.22 -3.91 -1.38
N GLN A 7 1.08 -3.82 -1.61
CA GLN A 7 1.95 -3.04 -0.77
C GLN A 7 1.82 -1.56 -1.15
N CYS A 8 1.19 -0.79 -0.32
CA CYS A 8 0.82 0.59 -0.65
C CYS A 8 1.95 1.59 -0.54
N GLY A 9 3.13 1.14 -0.29
CA GLY A 9 4.22 2.06 -0.23
C GLY A 9 4.88 2.09 1.08
N GLY A 10 5.81 1.21 1.26
CA GLY A 10 6.62 1.22 2.41
C GLY A 10 7.90 1.87 2.06
N ILE A 11 8.80 1.97 2.99
CA ILE A 11 10.10 2.59 2.74
C ILE A 11 10.84 1.83 1.64
N GLY A 12 11.00 2.46 0.49
CA GLY A 12 11.72 1.83 -0.59
C GLY A 12 10.80 1.40 -1.72
N TYR A 13 9.52 1.26 -1.43
CA TYR A 13 8.56 0.82 -2.44
C TYR A 13 8.14 2.03 -3.26
N SER A 14 8.51 2.06 -4.50
CA SER A 14 8.23 3.20 -5.36
C SER A 14 7.19 2.88 -6.43
N GLY A 15 6.55 1.74 -6.30
CA GLY A 15 5.53 1.34 -7.24
C GLY A 15 4.16 1.95 -6.93
N PRO A 16 3.07 1.20 -7.13
CA PRO A 16 1.71 1.70 -6.89
C PRO A 16 1.45 1.94 -5.38
N THR A 17 1.36 3.19 -5.03
CA THR A 17 1.12 3.60 -3.67
C THR A 17 -0.33 4.00 -3.44
N VAL A 18 -0.98 4.53 -4.45
CA VAL A 18 -2.37 4.94 -4.33
C VAL A 18 -3.28 3.73 -4.41
N CYS A 19 -3.96 3.45 -3.33
CA CYS A 19 -4.84 2.32 -3.23
C CYS A 19 -6.12 2.56 -4.01
N ALA A 20 -6.72 1.48 -4.49
CA ALA A 20 -7.96 1.54 -5.23
C ALA A 20 -9.10 1.99 -4.33
N SER A 21 -10.08 2.62 -4.94
CA SER A 21 -11.27 3.15 -4.28
C SER A 21 -11.89 2.10 -3.36
N GLY A 22 -11.89 2.41 -2.07
CA GLY A 22 -12.46 1.52 -1.09
C GLY A 22 -11.41 0.96 -0.16
N THR A 23 -10.16 1.05 -0.56
CA THR A 23 -9.07 0.51 0.25
C THR A 23 -8.12 1.63 0.67
N THR A 24 -7.52 1.49 1.82
CA THR A 24 -6.60 2.50 2.29
C THR A 24 -5.28 1.87 2.73
N CYS A 25 -4.23 2.63 2.61
CA CYS A 25 -2.91 2.19 2.94
C CYS A 25 -2.75 2.04 4.44
N GLN A 26 -2.59 0.82 4.88
CA GLN A 26 -2.37 0.55 6.25
C GLN A 26 -0.90 0.23 6.40
N VAL A 27 -0.21 1.05 7.14
CA VAL A 27 1.19 0.82 7.38
C VAL A 27 1.34 -0.25 8.45
N LEU A 28 1.49 -1.47 8.01
CA LEU A 28 1.59 -2.61 8.90
C LEU A 28 2.92 -2.61 9.60
N ASN A 29 3.93 -2.44 8.80
CA ASN A 29 5.30 -2.54 9.20
C ASN A 29 6.01 -1.35 8.58
N PRO A 30 7.25 -1.02 8.99
CA PRO A 30 7.96 0.15 8.45
C PRO A 30 8.14 0.11 6.92
N TYR A 31 8.45 -1.06 6.39
CA TYR A 31 8.66 -1.17 4.96
C TYR A 31 7.47 -1.88 4.29
N TYR A 32 6.77 -2.71 5.04
CA TYR A 32 5.59 -3.34 4.48
C TYR A 32 4.31 -2.57 4.85
N SER A 33 3.68 -2.05 3.87
CA SER A 33 2.45 -1.34 4.05
C SER A 33 1.45 -1.98 3.10
N GLN A 34 0.19 -2.08 3.46
CA GLN A 34 -0.78 -2.79 2.63
C GLN A 34 -2.11 -2.05 2.50
N CYS A 35 -2.68 -2.04 1.29
CA CYS A 35 -3.99 -1.44 1.07
C CYS A 35 -5.07 -2.39 1.54
N LEU A 36 -5.77 -2.00 2.54
CA LEU A 36 -6.82 -2.78 3.11
C LEU A 36 -8.11 -2.05 2.96
N THR A 1 -2.89 2.39 -9.65
CA THR A 1 -3.76 2.24 -8.52
C THR A 1 -3.53 0.86 -7.87
N GLN A 2 -2.96 0.88 -6.68
CA GLN A 2 -2.59 -0.32 -5.96
C GLN A 2 -3.84 -1.08 -5.52
N SER A 3 -3.89 -2.34 -5.88
CA SER A 3 -5.03 -3.17 -5.58
C SER A 3 -5.07 -3.60 -4.12
N HIS A 4 -6.18 -4.20 -3.73
CA HIS A 4 -6.39 -4.69 -2.39
C HIS A 4 -5.33 -5.74 -2.05
N TYR A 5 -4.71 -5.59 -0.87
CA TYR A 5 -3.62 -6.45 -0.36
C TYR A 5 -2.27 -6.12 -0.97
N GLY A 6 -2.22 -5.14 -1.84
CA GLY A 6 -0.97 -4.76 -2.42
C GLY A 6 -0.18 -3.85 -1.52
N GLN A 7 1.14 -3.89 -1.63
CA GLN A 7 2.02 -3.03 -0.87
C GLN A 7 1.86 -1.58 -1.35
N CYS A 8 1.29 -0.75 -0.50
CA CYS A 8 0.91 0.62 -0.87
C CYS A 8 2.00 1.64 -0.65
N GLY A 9 3.17 1.22 -0.31
CA GLY A 9 4.20 2.19 -0.16
C GLY A 9 4.85 2.16 1.17
N GLY A 10 5.64 1.15 1.35
CA GLY A 10 6.47 1.07 2.49
C GLY A 10 7.83 1.51 2.07
N ILE A 11 8.72 1.73 2.99
CA ILE A 11 10.07 2.13 2.64
C ILE A 11 10.73 1.04 1.78
N GLY A 12 11.16 1.43 0.60
CA GLY A 12 11.77 0.53 -0.32
C GLY A 12 10.87 0.22 -1.49
N TYR A 13 9.66 0.76 -1.45
CA TYR A 13 8.71 0.53 -2.52
C TYR A 13 8.54 1.80 -3.35
N SER A 14 8.78 1.69 -4.63
CA SER A 14 8.72 2.84 -5.54
C SER A 14 7.61 2.64 -6.59
N GLY A 15 6.65 1.82 -6.28
CA GLY A 15 5.57 1.54 -7.21
C GLY A 15 4.31 2.31 -6.86
N PRO A 16 3.12 1.88 -7.35
CA PRO A 16 1.82 2.52 -7.04
C PRO A 16 1.56 2.56 -5.53
N THR A 17 1.33 3.73 -5.04
CA THR A 17 1.13 3.95 -3.64
C THR A 17 -0.34 4.27 -3.31
N VAL A 18 -1.07 4.81 -4.27
CA VAL A 18 -2.47 5.11 -4.08
C VAL A 18 -3.28 3.84 -4.24
N CYS A 19 -3.95 3.45 -3.18
CA CYS A 19 -4.78 2.27 -3.16
C CYS A 19 -6.07 2.48 -3.94
N ALA A 20 -6.67 1.39 -4.33
CA ALA A 20 -7.92 1.41 -5.06
C ALA A 20 -9.08 1.85 -4.18
N SER A 21 -10.13 2.26 -4.82
CA SER A 21 -11.32 2.71 -4.17
C SER A 21 -11.90 1.60 -3.28
N GLY A 22 -12.10 1.92 -2.02
CA GLY A 22 -12.60 0.96 -1.09
C GLY A 22 -11.51 0.42 -0.19
N THR A 23 -10.25 0.69 -0.54
CA THR A 23 -9.14 0.22 0.24
C THR A 23 -8.30 1.40 0.70
N THR A 24 -7.66 1.28 1.83
CA THR A 24 -6.80 2.32 2.32
C THR A 24 -5.42 1.76 2.65
N CYS A 25 -4.41 2.54 2.45
CA CYS A 25 -3.05 2.11 2.72
C CYS A 25 -2.85 1.96 4.23
N GLN A 26 -2.53 0.76 4.65
CA GLN A 26 -2.26 0.48 6.04
C GLN A 26 -0.78 0.32 6.22
N VAL A 27 -0.19 1.13 7.04
CA VAL A 27 1.21 0.96 7.37
C VAL A 27 1.29 -0.10 8.45
N LEU A 28 1.60 -1.31 8.04
CA LEU A 28 1.67 -2.45 8.94
C LEU A 28 3.02 -2.49 9.61
N ASN A 29 4.02 -2.14 8.84
CA ASN A 29 5.38 -2.09 9.28
C ASN A 29 5.99 -0.91 8.57
N PRO A 30 7.15 -0.39 9.00
CA PRO A 30 7.78 0.77 8.35
C PRO A 30 8.06 0.51 6.86
N TYR A 31 8.37 -0.72 6.51
CA TYR A 31 8.67 -1.02 5.13
C TYR A 31 7.50 -1.78 4.49
N TYR A 32 6.72 -2.49 5.28
CA TYR A 32 5.57 -3.16 4.75
C TYR A 32 4.27 -2.36 4.93
N SER A 33 3.69 -1.95 3.86
CA SER A 33 2.42 -1.25 3.92
C SER A 33 1.49 -1.99 2.96
N GLN A 34 0.22 -2.12 3.29
CA GLN A 34 -0.71 -2.88 2.48
C GLN A 34 -2.08 -2.18 2.37
N CYS A 35 -2.66 -2.18 1.18
CA CYS A 35 -3.98 -1.59 0.97
C CYS A 35 -5.08 -2.48 1.51
N LEU A 36 -5.74 -2.00 2.52
CA LEU A 36 -6.84 -2.65 3.15
C LEU A 36 -7.94 -1.61 3.31
N THR A 1 -2.62 1.50 -9.97
CA THR A 1 -3.28 1.62 -8.70
C THR A 1 -3.01 0.33 -7.92
N GLN A 2 -2.85 0.43 -6.63
CA GLN A 2 -2.53 -0.72 -5.83
C GLN A 2 -3.81 -1.42 -5.36
N SER A 3 -3.93 -2.68 -5.71
CA SER A 3 -5.06 -3.49 -5.34
C SER A 3 -5.11 -3.78 -3.81
N HIS A 4 -6.24 -4.31 -3.39
CA HIS A 4 -6.50 -4.64 -1.99
C HIS A 4 -5.55 -5.78 -1.59
N TYR A 5 -4.86 -5.58 -0.46
CA TYR A 5 -3.83 -6.50 0.09
C TYR A 5 -2.48 -6.33 -0.60
N GLY A 6 -2.37 -5.36 -1.48
CA GLY A 6 -1.12 -5.07 -2.14
C GLY A 6 -0.30 -4.09 -1.33
N GLN A 7 0.95 -3.91 -1.72
CA GLN A 7 1.87 -3.05 -1.00
C GLN A 7 1.72 -1.60 -1.47
N CYS A 8 1.25 -0.78 -0.59
CA CYS A 8 0.90 0.61 -0.93
C CYS A 8 2.00 1.63 -0.62
N GLY A 9 3.22 1.18 -0.50
CA GLY A 9 4.28 2.16 -0.33
C GLY A 9 4.93 2.14 1.01
N GLY A 10 5.83 1.23 1.19
CA GLY A 10 6.61 1.19 2.39
C GLY A 10 7.94 1.81 2.11
N ILE A 11 8.82 1.84 3.08
CA ILE A 11 10.16 2.39 2.90
C ILE A 11 10.87 1.66 1.75
N GLY A 12 11.20 2.39 0.71
CA GLY A 12 11.90 1.84 -0.42
C GLY A 12 10.98 1.55 -1.58
N TYR A 13 9.75 1.23 -1.27
CA TYR A 13 8.79 0.88 -2.29
C TYR A 13 8.02 2.12 -2.71
N SER A 14 8.35 2.61 -3.85
CA SER A 14 7.76 3.80 -4.39
C SER A 14 6.93 3.47 -5.63
N GLY A 15 6.43 2.23 -5.68
CA GLY A 15 5.63 1.78 -6.80
C GLY A 15 4.20 2.31 -6.75
N PRO A 16 3.19 1.48 -7.05
CA PRO A 16 1.81 1.90 -6.90
C PRO A 16 1.46 2.05 -5.43
N THR A 17 1.40 3.27 -4.99
CA THR A 17 1.17 3.58 -3.62
C THR A 17 -0.27 3.97 -3.37
N VAL A 18 -0.95 4.42 -4.40
CA VAL A 18 -2.33 4.82 -4.28
C VAL A 18 -3.18 3.58 -4.37
N CYS A 19 -3.95 3.34 -3.35
CA CYS A 19 -4.78 2.17 -3.26
C CYS A 19 -6.05 2.32 -4.06
N ALA A 20 -6.61 1.18 -4.45
CA ALA A 20 -7.85 1.09 -5.18
C ALA A 20 -8.99 1.79 -4.43
N SER A 21 -9.95 2.24 -5.18
CA SER A 21 -11.10 2.95 -4.67
C SER A 21 -11.83 2.10 -3.62
N GLY A 22 -11.78 2.55 -2.39
CA GLY A 22 -12.44 1.84 -1.32
C GLY A 22 -11.45 1.19 -0.37
N THR A 23 -10.18 1.21 -0.73
CA THR A 23 -9.16 0.63 0.11
C THR A 23 -8.19 1.69 0.59
N THR A 24 -7.66 1.55 1.77
CA THR A 24 -6.75 2.54 2.32
C THR A 24 -5.41 1.92 2.71
N CYS A 25 -4.35 2.67 2.53
CA CYS A 25 -3.02 2.15 2.80
C CYS A 25 -2.77 2.05 4.30
N GLN A 26 -2.57 0.84 4.77
CA GLN A 26 -2.26 0.61 6.14
C GLN A 26 -0.78 0.30 6.25
N VAL A 27 -0.09 1.01 7.07
CA VAL A 27 1.31 0.74 7.25
C VAL A 27 1.45 -0.33 8.32
N LEU A 28 1.73 -1.54 7.88
CA LEU A 28 1.83 -2.67 8.78
C LEU A 28 3.23 -2.73 9.34
N ASN A 29 4.18 -2.68 8.46
CA ASN A 29 5.58 -2.72 8.80
C ASN A 29 6.15 -1.46 8.21
N PRO A 30 7.34 -1.01 8.60
CA PRO A 30 7.92 0.20 8.01
C PRO A 30 8.12 0.06 6.50
N TYR A 31 8.45 -1.14 6.04
CA TYR A 31 8.63 -1.33 4.62
C TYR A 31 7.39 -1.98 4.01
N TYR A 32 6.65 -2.73 4.79
CA TYR A 32 5.44 -3.33 4.28
C TYR A 32 4.19 -2.52 4.60
N SER A 33 3.58 -2.00 3.60
CA SER A 33 2.35 -1.29 3.74
C SER A 33 1.34 -2.02 2.88
N GLN A 34 0.11 -2.13 3.32
CA GLN A 34 -0.90 -2.90 2.61
C GLN A 34 -2.22 -2.14 2.48
N CYS A 35 -2.81 -2.18 1.31
CA CYS A 35 -4.09 -1.53 1.08
C CYS A 35 -5.23 -2.34 1.68
N LEU A 36 -5.88 -1.75 2.65
CA LEU A 36 -7.00 -2.30 3.35
C LEU A 36 -7.96 -1.15 3.55
#